data_7NBQ
#
_entry.id   7NBQ
#
_cell.length_a   46.012
_cell.length_b   62.306
_cell.length_c   107.932
_cell.angle_alpha   91.52
_cell.angle_beta   97.86
_cell.angle_gamma   111.66
#
_symmetry.space_group_name_H-M   'P 1'
#
loop_
_entity.id
_entity.type
_entity.pdbx_description
1 polymer 'Nicotinamide N-methyltransferase'
2 non-polymer S-ADENOSYL-L-HOMOCYSTEINE
3 non-polymer 2-methyl-1,2,6,7-tetrahydro-3H,5H-pyrido[3,2,1-ij]quinazolin-3-imine
4 water water
#
_entity_poly.entity_id   1
_entity_poly.type   'polypeptide(L)'
_entity_poly.pdbx_seq_one_letter_code
;MGSSHHHHHHSSGLVPRGSMESGFTSKDTYLSHFNPRDYLEKYYKFGSRHSAESQILKHLLKNLFKIFCLDGVKGDLLID
IGSGPTIYQLLSACESFKEIVVTDYSDQNLQELEKWLKAAPAAFDWSPVVTYVCDLEGNRVKGPEKEEKLRQAVKQVLKC
DVTQSQPLGAVPLPPADCVLSTLCLDAACPDLPTYCRALRNLGSLLKPGGFLVIMDALKSSYYMIGEQKFSSLPLGREAV
EAAVKEAGYTIEWFEVISQSYSSTMANNEGLFSLVARKLSRPL
;
_entity_poly.pdbx_strand_id   A,B,C,D
#
# COMPACT_ATOMS: atom_id res chain seq x y z
N SER A 11 -5.45 -14.55 -7.35
CA SER A 11 -6.60 -14.01 -8.09
C SER A 11 -6.57 -12.48 -8.29
N SER A 12 -5.43 -11.83 -7.96
CA SER A 12 -5.16 -10.39 -8.05
C SER A 12 -6.30 -9.50 -7.42
N GLY A 13 -7.25 -9.03 -8.22
CA GLY A 13 -8.33 -8.16 -7.75
C GLY A 13 -9.71 -8.48 -8.30
N LEU A 14 -9.83 -9.56 -9.08
CA LEU A 14 -11.12 -9.99 -9.63
C LEU A 14 -12.05 -10.41 -8.49
N VAL A 15 -11.49 -11.13 -7.53
CA VAL A 15 -12.14 -11.79 -6.43
C VAL A 15 -11.27 -11.61 -5.15
N PRO A 16 -11.87 -11.54 -3.94
CA PRO A 16 -11.05 -11.38 -2.72
C PRO A 16 -10.00 -12.48 -2.53
N ARG A 17 -8.88 -12.17 -1.90
CA ARG A 17 -7.84 -13.13 -1.63
C ARG A 17 -8.37 -14.31 -0.79
N GLY A 18 -7.84 -15.49 -1.04
CA GLY A 18 -8.24 -16.70 -0.35
C GLY A 18 -9.65 -17.18 -0.61
N SER A 19 -10.34 -16.61 -1.63
CA SER A 19 -11.74 -16.97 -1.90
C SER A 19 -12.04 -17.63 -3.24
N MET A 20 -11.02 -17.93 -4.07
CA MET A 20 -11.27 -18.49 -5.39
C MET A 20 -12.08 -19.78 -5.35
N GLU A 21 -11.71 -20.69 -4.47
CA GLU A 21 -12.37 -21.98 -4.37
C GLU A 21 -13.79 -21.93 -3.74
N SER A 22 -13.94 -21.32 -2.54
CA SER A 22 -15.19 -21.29 -1.77
C SER A 22 -16.08 -20.08 -1.95
N GLY A 23 -15.56 -19.00 -2.50
CA GLY A 23 -16.33 -17.77 -2.64
C GLY A 23 -16.18 -16.80 -1.47
N PHE A 24 -15.54 -17.26 -0.39
CA PHE A 24 -15.30 -16.43 0.76
C PHE A 24 -13.86 -16.61 1.22
N THR A 25 -13.23 -15.51 1.66
CA THR A 25 -11.87 -15.48 2.17
C THR A 25 -11.71 -16.51 3.30
N SER A 26 -10.76 -17.41 3.11
CA SER A 26 -10.52 -18.50 4.04
C SER A 26 -9.78 -18.01 5.29
N LYS A 27 -9.93 -18.72 6.44
CA LYS A 27 -9.29 -18.33 7.71
C LYS A 27 -7.78 -18.14 7.57
N ASP A 28 -7.08 -19.05 6.86
CA ASP A 28 -5.62 -18.96 6.75
C ASP A 28 -5.14 -17.70 5.99
N THR A 29 -6.05 -17.04 5.22
CA THR A 29 -5.71 -15.78 4.55
C THR A 29 -5.48 -14.71 5.62
N TYR A 30 -6.22 -14.76 6.77
CA TYR A 30 -6.04 -13.80 7.84
C TYR A 30 -4.74 -14.00 8.57
N LEU A 31 -4.23 -15.25 8.67
CA LEU A 31 -2.93 -15.51 9.30
C LEU A 31 -1.79 -15.13 8.33
N SER A 32 -1.95 -15.41 7.02
CA SER A 32 -0.89 -15.12 6.07
C SER A 32 -0.87 -13.66 5.50
N HIS A 33 -1.96 -13.16 4.92
CA HIS A 33 -1.98 -11.85 4.29
C HIS A 33 -2.59 -10.69 5.06
N PHE A 34 -2.96 -10.84 6.35
CA PHE A 34 -3.52 -9.69 7.07
C PHE A 34 -2.40 -8.94 7.77
N ASN A 35 -2.07 -7.70 7.32
CA ASN A 35 -1.03 -6.95 8.02
C ASN A 35 -1.57 -5.94 9.06
N PRO A 36 -1.31 -6.17 10.36
CA PRO A 36 -1.82 -5.24 11.39
C PRO A 36 -1.44 -3.78 11.19
N ARG A 37 -0.14 -3.46 11.01
CA ARG A 37 0.37 -2.12 10.77
C ARG A 37 -0.33 -1.47 9.56
N ASP A 38 -0.40 -2.19 8.43
CA ASP A 38 -1.04 -1.69 7.22
C ASP A 38 -2.54 -1.37 7.48
N TYR A 39 -3.26 -2.31 8.10
CA TYR A 39 -4.67 -2.15 8.46
C TYR A 39 -4.89 -0.90 9.30
N LEU A 40 -4.08 -0.74 10.38
CA LEU A 40 -4.15 0.40 11.30
C LEU A 40 -3.84 1.71 10.61
N GLU A 41 -2.84 1.73 9.75
CA GLU A 41 -2.49 2.91 8.98
C GLU A 41 -3.62 3.30 8.02
N LYS A 42 -4.40 2.32 7.52
CA LYS A 42 -5.48 2.57 6.56
C LYS A 42 -6.76 3.11 7.21
N TYR A 43 -7.19 2.52 8.32
CA TYR A 43 -8.47 2.90 8.94
C TYR A 43 -8.41 3.67 10.25
N TYR A 44 -7.24 3.71 10.94
CA TYR A 44 -7.20 4.28 12.28
C TYR A 44 -6.13 5.35 12.52
N LYS A 45 -5.58 5.99 11.46
CA LYS A 45 -4.57 7.03 11.65
C LYS A 45 -5.14 8.26 12.35
N PHE A 46 -6.33 8.71 11.92
CA PHE A 46 -6.95 9.87 12.54
C PHE A 46 -8.00 9.44 13.57
N HIS A 50 -10.56 14.99 7.28
CA HIS A 50 -11.86 14.53 7.79
C HIS A 50 -12.43 13.44 6.88
N SER A 51 -11.63 12.39 6.66
CA SER A 51 -11.94 11.24 5.82
C SER A 51 -13.25 10.52 6.20
N ALA A 52 -13.65 9.56 5.36
CA ALA A 52 -14.80 8.70 5.63
C ALA A 52 -14.48 7.78 6.82
N GLU A 53 -13.21 7.33 6.92
CA GLU A 53 -12.69 6.45 7.95
C GLU A 53 -12.74 7.08 9.32
N SER A 54 -12.45 8.40 9.42
CA SER A 54 -12.49 9.12 10.70
C SER A 54 -13.92 9.39 11.12
N GLN A 55 -14.80 9.72 10.18
CA GLN A 55 -16.21 9.97 10.49
C GLN A 55 -16.88 8.73 11.04
N ILE A 56 -16.50 7.55 10.53
CA ILE A 56 -17.04 6.28 10.96
C ILE A 56 -16.45 5.93 12.32
N LEU A 57 -15.14 6.16 12.53
CA LEU A 57 -14.51 5.90 13.82
C LEU A 57 -15.10 6.85 14.90
N LYS A 58 -15.45 8.10 14.54
CA LYS A 58 -16.09 9.02 15.49
C LYS A 58 -17.48 8.54 15.86
N HIS A 59 -18.22 7.99 14.89
CA HIS A 59 -19.53 7.46 15.16
C HIS A 59 -19.42 6.22 16.02
N LEU A 60 -18.46 5.33 15.70
CA LEU A 60 -18.21 4.11 16.46
C LEU A 60 -17.93 4.45 17.93
N LEU A 61 -16.99 5.39 18.17
CA LEU A 61 -16.63 5.87 19.51
C LEU A 61 -17.80 6.52 20.28
N LYS A 62 -18.65 7.32 19.63
CA LYS A 62 -19.80 7.93 20.32
C LYS A 62 -20.84 6.89 20.73
N ASN A 63 -20.98 5.84 19.92
CA ASN A 63 -21.89 4.76 20.20
C ASN A 63 -21.38 3.90 21.34
N LEU A 64 -20.10 3.58 21.36
CA LEU A 64 -19.50 2.81 22.44
C LEU A 64 -19.54 3.61 23.74
N PHE A 65 -19.31 4.95 23.65
CA PHE A 65 -19.42 5.85 24.79
C PHE A 65 -20.84 5.82 25.32
N LYS A 66 -21.86 5.93 24.44
CA LYS A 66 -23.26 5.93 24.85
C LYS A 66 -23.69 4.58 25.46
N ILE A 67 -23.20 3.47 24.89
CA ILE A 67 -23.57 2.14 25.36
C ILE A 67 -22.94 1.86 26.71
N PHE A 68 -21.63 2.06 26.84
CA PHE A 68 -20.94 1.74 28.09
C PHE A 68 -21.06 2.83 29.20
N CYS A 69 -21.12 4.11 28.86
CA CYS A 69 -21.15 5.18 29.86
C CYS A 69 -22.51 5.77 30.16
N LEU A 70 -23.39 5.94 29.17
CA LEU A 70 -24.71 6.55 29.41
C LEU A 70 -25.77 5.52 29.79
N ASP A 71 -25.66 4.32 29.19
CA ASP A 71 -26.57 3.20 29.41
C ASP A 71 -26.04 2.20 30.44
N GLY A 72 -26.90 1.28 30.88
CA GLY A 72 -26.50 0.28 31.87
C GLY A 72 -25.74 -0.93 31.34
N VAL A 73 -24.67 -0.69 30.58
CA VAL A 73 -23.88 -1.80 30.05
C VAL A 73 -22.58 -1.85 30.84
N LYS A 74 -22.67 -2.52 32.00
CA LYS A 74 -21.63 -2.63 33.02
C LYS A 74 -21.57 -4.06 33.58
N GLY A 75 -20.45 -4.38 34.22
CA GLY A 75 -20.22 -5.68 34.84
C GLY A 75 -18.78 -5.88 35.24
N ASP A 76 -18.42 -7.12 35.51
CA ASP A 76 -17.05 -7.48 35.84
C ASP A 76 -16.28 -7.78 34.55
N LEU A 77 -16.59 -8.85 33.82
CA LEU A 77 -15.86 -9.23 32.62
C LEU A 77 -16.55 -8.87 31.29
N LEU A 78 -15.79 -8.22 30.40
CA LEU A 78 -16.14 -8.00 29.02
C LEU A 78 -15.15 -8.80 28.16
N ILE A 79 -15.61 -9.55 27.15
CA ILE A 79 -14.75 -10.24 26.19
C ILE A 79 -14.90 -9.53 24.84
N ASP A 80 -13.79 -9.14 24.20
CA ASP A 80 -13.83 -8.55 22.89
C ASP A 80 -13.46 -9.62 21.89
N ILE A 81 -14.33 -9.89 20.93
CA ILE A 81 -14.14 -10.91 19.91
C ILE A 81 -13.67 -10.25 18.58
N GLY A 82 -12.65 -10.83 17.94
CA GLY A 82 -12.08 -10.30 16.71
C GLY A 82 -11.56 -8.89 16.86
N SER A 83 -10.86 -8.63 17.98
CA SER A 83 -10.31 -7.32 18.31
C SER A 83 -9.35 -6.77 17.25
N GLY A 84 -8.71 -7.67 16.50
CA GLY A 84 -7.65 -7.33 15.56
C GLY A 84 -6.48 -6.73 16.33
N PRO A 85 -5.79 -5.77 15.71
CA PRO A 85 -4.75 -5.04 16.45
C PRO A 85 -5.27 -3.74 17.08
N THR A 86 -6.60 -3.53 17.15
CA THR A 86 -7.17 -2.25 17.59
C THR A 86 -7.57 -2.20 19.06
N ILE A 87 -7.59 -0.98 19.64
CA ILE A 87 -8.06 -0.78 21.00
C ILE A 87 -9.16 0.28 21.15
N TYR A 88 -9.58 0.98 20.06
CA TYR A 88 -10.61 2.04 20.16
C TYR A 88 -11.93 1.56 20.79
N GLN A 89 -12.33 0.32 20.50
CA GLN A 89 -13.56 -0.31 21.01
C GLN A 89 -13.56 -0.60 22.50
N LEU A 90 -12.43 -0.43 23.18
CA LEU A 90 -12.34 -0.74 24.61
C LEU A 90 -12.20 0.50 25.51
N LEU A 91 -11.90 1.67 24.92
CA LEU A 91 -11.69 2.91 25.63
C LEU A 91 -12.81 3.26 26.60
N SER A 92 -14.07 3.32 26.13
CA SER A 92 -15.20 3.66 27.02
C SER A 92 -15.60 2.47 27.90
N ALA A 93 -15.39 1.24 27.41
CA ALA A 93 -15.71 0.00 28.11
C ALA A 93 -14.93 -0.18 29.37
N CYS A 94 -13.66 0.27 29.42
CA CYS A 94 -12.81 0.09 30.62
C CYS A 94 -13.27 0.91 31.84
N GLU A 95 -14.26 1.79 31.65
CA GLU A 95 -14.92 2.62 32.66
C GLU A 95 -16.07 1.87 33.33
N SER A 96 -16.67 0.88 32.63
CA SER A 96 -17.81 0.11 33.16
C SER A 96 -17.49 -1.35 33.48
N PHE A 97 -16.33 -1.86 33.08
CA PHE A 97 -15.97 -3.25 33.30
C PHE A 97 -14.65 -3.36 34.08
N LYS A 98 -14.62 -4.24 35.10
CA LYS A 98 -13.38 -4.41 35.87
C LYS A 98 -12.33 -5.09 34.99
N GLU A 99 -12.73 -6.12 34.24
CA GLU A 99 -11.79 -6.88 33.43
C GLU A 99 -12.20 -6.97 31.97
N ILE A 100 -11.21 -6.97 31.06
CA ILE A 100 -11.38 -7.10 29.61
C ILE A 100 -10.46 -8.20 29.02
N VAL A 101 -11.02 -9.08 28.19
CA VAL A 101 -10.23 -10.10 27.48
C VAL A 101 -10.26 -9.79 25.99
N VAL A 102 -9.10 -9.50 25.39
CA VAL A 102 -9.02 -9.22 23.96
C VAL A 102 -8.70 -10.51 23.23
N THR A 103 -9.35 -10.72 22.09
CA THR A 103 -9.18 -11.98 21.34
C THR A 103 -9.18 -11.70 19.85
N ASP A 104 -8.48 -12.54 19.10
CA ASP A 104 -8.48 -12.45 17.65
C ASP A 104 -7.95 -13.76 17.06
N TYR A 105 -8.36 -14.06 15.84
CA TYR A 105 -7.89 -15.26 15.16
C TYR A 105 -6.42 -15.15 14.73
N SER A 106 -5.97 -13.94 14.40
CA SER A 106 -4.65 -13.66 13.88
C SER A 106 -3.59 -13.36 14.95
N ASP A 107 -2.60 -14.20 15.00
CA ASP A 107 -1.49 -14.10 15.95
C ASP A 107 -0.72 -12.82 15.73
N GLN A 108 -0.57 -12.38 14.47
CA GLN A 108 0.11 -11.11 14.20
C GLN A 108 -0.66 -9.92 14.78
N ASN A 109 -2.00 -10.00 14.81
CA ASN A 109 -2.86 -8.98 15.43
C ASN A 109 -2.64 -8.98 16.94
N LEU A 110 -2.65 -10.17 17.55
CA LEU A 110 -2.44 -10.33 18.99
C LEU A 110 -1.10 -9.76 19.44
N GLN A 111 -0.04 -9.97 18.62
CA GLN A 111 1.29 -9.45 18.88
C GLN A 111 1.29 -7.92 18.82
N GLU A 112 0.49 -7.33 17.92
CA GLU A 112 0.39 -5.87 17.82
C GLU A 112 -0.25 -5.27 19.10
N LEU A 113 -1.25 -5.97 19.65
CA LEU A 113 -1.92 -5.54 20.87
C LEU A 113 -0.95 -5.61 22.03
N GLU A 114 -0.17 -6.71 22.11
CA GLU A 114 0.79 -6.92 23.19
C GLU A 114 1.88 -5.88 23.20
N LYS A 115 2.25 -5.32 22.02
CA LYS A 115 3.20 -4.22 21.95
C LYS A 115 2.59 -3.00 22.67
N TRP A 116 1.34 -2.66 22.32
CA TRP A 116 0.58 -1.56 22.91
C TRP A 116 0.36 -1.76 24.43
N LEU A 117 0.03 -2.98 24.86
CA LEU A 117 -0.21 -3.33 26.26
C LEU A 117 0.99 -2.99 27.13
N LYS A 118 2.20 -3.24 26.61
CA LYS A 118 3.46 -2.95 27.32
C LYS A 118 4.02 -1.55 27.01
N ALA A 119 3.27 -0.71 26.30
CA ALA A 119 3.67 0.62 25.86
C ALA A 119 5.05 0.64 25.20
N ALA A 120 5.26 -0.30 24.27
CA ALA A 120 6.51 -0.42 23.51
C ALA A 120 6.58 0.75 22.56
N PRO A 121 7.76 1.38 22.40
CA PRO A 121 7.88 2.51 21.46
C PRO A 121 7.43 2.18 20.02
N ALA A 122 7.61 0.95 19.56
CA ALA A 122 7.24 0.57 18.19
C ALA A 122 5.73 0.32 17.97
N ALA A 123 4.94 0.35 19.05
CA ALA A 123 3.50 0.11 18.95
C ALA A 123 2.78 1.30 18.28
N PHE A 124 1.59 1.06 17.75
CA PHE A 124 0.78 2.08 17.10
C PHE A 124 0.40 3.16 18.10
N ASP A 125 0.37 4.41 17.66
CA ASP A 125 -0.02 5.51 18.51
C ASP A 125 -1.53 5.75 18.46
N TRP A 126 -2.22 5.52 19.58
CA TRP A 126 -3.67 5.72 19.70
C TRP A 126 -4.05 7.10 20.29
N SER A 127 -3.03 7.92 20.69
CA SER A 127 -3.17 9.27 21.25
C SER A 127 -4.31 10.13 20.69
N PRO A 128 -4.48 10.30 19.35
CA PRO A 128 -5.60 11.12 18.87
C PRO A 128 -6.95 10.51 19.26
N VAL A 129 -7.10 9.19 19.11
CA VAL A 129 -8.32 8.48 19.45
C VAL A 129 -8.58 8.58 20.95
N VAL A 130 -7.56 8.36 21.79
CA VAL A 130 -7.71 8.44 23.24
C VAL A 130 -8.15 9.87 23.66
N THR A 131 -7.52 10.92 23.07
CA THR A 131 -7.90 12.31 23.37
C THR A 131 -9.39 12.56 23.04
N TYR A 132 -9.87 11.97 21.94
CA TYR A 132 -11.24 12.09 21.48
C TYR A 132 -12.24 11.43 22.44
N VAL A 133 -11.93 10.23 22.94
CA VAL A 133 -12.81 9.57 23.91
C VAL A 133 -12.83 10.38 25.23
N CYS A 134 -11.67 10.93 25.62
CA CYS A 134 -11.52 11.77 26.80
C CYS A 134 -12.39 13.04 26.71
N ASP A 135 -12.43 13.70 25.52
CA ASP A 135 -13.26 14.90 25.35
C ASP A 135 -14.72 14.53 25.41
N LEU A 136 -15.09 13.38 24.80
CA LEU A 136 -16.47 12.86 24.82
C LEU A 136 -16.92 12.61 26.24
N GLU A 137 -16.02 12.05 27.07
CA GLU A 137 -16.32 11.66 28.44
C GLU A 137 -16.32 12.80 29.46
N GLY A 138 -16.24 14.04 28.99
CA GLY A 138 -16.31 15.21 29.86
C GLY A 138 -15.01 15.76 30.36
N ASN A 139 -13.87 15.19 29.90
CA ASN A 139 -12.53 15.61 30.32
C ASN A 139 -12.32 15.50 31.85
N ARG A 140 -12.78 14.40 32.45
CA ARG A 140 -12.53 14.15 33.87
C ARG A 140 -11.05 13.74 34.09
N VAL A 141 -10.44 13.06 33.08
CA VAL A 141 -9.05 12.62 32.99
C VAL A 141 -8.45 13.03 31.61
N LYS A 142 -7.11 12.99 31.49
CA LYS A 142 -6.39 13.26 30.25
C LYS A 142 -6.08 11.91 29.54
N GLY A 143 -5.58 11.98 28.30
CA GLY A 143 -5.20 10.82 27.51
C GLY A 143 -4.30 9.81 28.18
N PRO A 144 -3.11 10.19 28.69
CA PRO A 144 -2.23 9.20 29.32
C PRO A 144 -2.84 8.47 30.52
N GLU A 145 -3.74 9.11 31.27
CA GLU A 145 -4.41 8.49 32.41
C GLU A 145 -5.39 7.43 31.94
N LYS A 146 -6.15 7.74 30.89
CA LYS A 146 -7.13 6.86 30.26
C LYS A 146 -6.46 5.60 29.66
N GLU A 147 -5.32 5.77 28.94
CA GLU A 147 -4.56 4.69 28.32
C GLU A 147 -4.13 3.65 29.37
N GLU A 148 -3.70 4.12 30.55
CA GLU A 148 -3.22 3.26 31.63
C GLU A 148 -4.38 2.50 32.29
N LYS A 149 -5.56 3.10 32.36
CA LYS A 149 -6.74 2.44 32.89
C LYS A 149 -7.15 1.29 31.94
N LEU A 150 -7.08 1.50 30.60
CA LEU A 150 -7.39 0.45 29.64
C LEU A 150 -6.37 -0.66 29.69
N ARG A 151 -5.07 -0.30 29.67
CA ARG A 151 -3.96 -1.25 29.77
C ARG A 151 -4.08 -2.13 31.03
N GLN A 152 -4.41 -1.51 32.16
CA GLN A 152 -4.61 -2.24 33.40
C GLN A 152 -5.85 -3.14 33.36
N ALA A 153 -6.88 -2.78 32.58
CA ALA A 153 -8.11 -3.58 32.51
C ALA A 153 -7.98 -4.78 31.58
N VAL A 154 -7.11 -4.71 30.57
CA VAL A 154 -6.94 -5.84 29.65
C VAL A 154 -6.11 -6.91 30.35
N LYS A 155 -6.79 -7.97 30.80
CA LYS A 155 -6.19 -9.04 31.58
C LYS A 155 -5.75 -10.21 30.76
N GLN A 156 -6.34 -10.44 29.58
CA GLN A 156 -5.99 -11.59 28.76
C GLN A 156 -5.98 -11.23 27.28
N VAL A 157 -5.11 -11.88 26.51
CA VAL A 157 -4.95 -11.69 25.06
C VAL A 157 -4.94 -13.11 24.53
N LEU A 158 -6.06 -13.54 23.99
CA LEU A 158 -6.26 -14.92 23.58
C LEU A 158 -6.48 -15.14 22.10
N LYS A 159 -6.33 -16.37 21.66
CA LYS A 159 -6.63 -16.77 20.30
C LYS A 159 -8.12 -17.08 20.28
N CYS A 160 -8.76 -16.63 19.25
CA CYS A 160 -10.19 -16.72 19.08
C CYS A 160 -10.54 -17.31 17.69
N ASP A 161 -11.74 -17.91 17.57
CA ASP A 161 -12.27 -18.48 16.33
C ASP A 161 -13.76 -18.58 16.52
N VAL A 162 -14.48 -17.62 15.94
CA VAL A 162 -15.92 -17.49 16.02
C VAL A 162 -16.65 -18.72 15.57
N THR A 163 -16.10 -19.46 14.57
CA THR A 163 -16.73 -20.65 13.97
C THR A 163 -16.64 -21.91 14.83
N GLN A 164 -16.01 -21.86 16.00
CA GLN A 164 -15.88 -23.02 16.89
C GLN A 164 -16.90 -23.00 18.03
N SER A 165 -17.48 -24.16 18.41
CA SER A 165 -18.48 -24.19 19.49
C SER A 165 -17.93 -23.64 20.81
N GLN A 166 -16.60 -23.77 21.03
CA GLN A 166 -15.87 -23.18 22.15
C GLN A 166 -14.94 -22.16 21.45
N PRO A 167 -15.37 -20.89 21.26
CA PRO A 167 -14.56 -19.93 20.49
C PRO A 167 -13.14 -19.68 21.01
N LEU A 168 -12.97 -19.69 22.33
CA LEU A 168 -11.66 -19.46 22.91
C LEU A 168 -10.88 -20.75 23.21
N GLY A 169 -11.22 -21.85 22.54
CA GLY A 169 -10.52 -23.12 22.72
C GLY A 169 -10.92 -23.75 24.03
N ALA A 170 -9.93 -24.07 24.88
CA ALA A 170 -10.26 -24.63 26.19
C ALA A 170 -9.75 -23.75 27.32
N VAL A 171 -9.82 -22.42 27.13
CA VAL A 171 -9.39 -21.43 28.12
C VAL A 171 -10.49 -21.20 29.14
N PRO A 172 -10.23 -21.56 30.42
CA PRO A 172 -11.25 -21.37 31.45
C PRO A 172 -11.43 -19.92 31.80
N LEU A 173 -12.62 -19.44 31.56
CA LEU A 173 -12.99 -18.07 31.84
C LEU A 173 -14.28 -18.11 32.58
N PRO A 174 -14.46 -17.19 33.55
CA PRO A 174 -15.79 -17.06 34.16
C PRO A 174 -16.78 -16.53 33.10
N PRO A 175 -18.08 -16.81 33.23
CA PRO A 175 -19.06 -16.21 32.32
C PRO A 175 -18.96 -14.67 32.30
N ALA A 176 -19.05 -14.09 31.09
CA ALA A 176 -18.91 -12.66 30.93
C ALA A 176 -20.22 -11.92 31.08
N ASP A 177 -20.14 -10.64 31.48
CA ASP A 177 -21.32 -9.78 31.55
C ASP A 177 -21.60 -9.13 30.16
N CYS A 178 -20.55 -8.96 29.32
CA CYS A 178 -20.67 -8.43 27.97
C CYS A 178 -19.73 -9.17 27.00
N VAL A 179 -20.14 -9.23 25.72
CA VAL A 179 -19.34 -9.75 24.62
C VAL A 179 -19.47 -8.70 23.52
N LEU A 180 -18.37 -8.04 23.20
CA LEU A 180 -18.32 -6.98 22.20
C LEU A 180 -17.62 -7.50 20.94
N SER A 181 -18.11 -7.17 19.74
CA SER A 181 -17.46 -7.63 18.51
C SER A 181 -17.60 -6.56 17.47
N THR A 182 -16.48 -5.92 17.09
CA THR A 182 -16.58 -4.83 16.14
C THR A 182 -15.91 -5.19 14.86
N LEU A 183 -16.64 -5.03 13.77
CA LEU A 183 -16.20 -5.29 12.40
C LEU A 183 -15.50 -6.61 12.22
N CYS A 184 -15.99 -7.66 12.90
CA CYS A 184 -15.38 -8.99 12.84
C CYS A 184 -16.28 -10.02 12.15
N LEU A 185 -17.51 -10.21 12.65
CA LEU A 185 -18.45 -11.20 12.13
C LEU A 185 -18.72 -11.14 10.61
N ASP A 186 -18.83 -9.93 9.99
CA ASP A 186 -19.03 -9.82 8.53
C ASP A 186 -17.83 -10.41 7.79
N ALA A 187 -16.62 -10.20 8.33
CA ALA A 187 -15.37 -10.69 7.77
C ALA A 187 -15.15 -12.16 8.01
N ALA A 188 -15.75 -12.74 9.06
CA ALA A 188 -15.52 -14.13 9.47
C ALA A 188 -16.55 -15.18 9.04
N CYS A 189 -17.77 -14.76 8.62
CA CYS A 189 -18.84 -15.72 8.35
C CYS A 189 -19.26 -15.71 6.91
N PRO A 190 -19.10 -16.84 6.20
CA PRO A 190 -19.38 -16.86 4.77
C PRO A 190 -20.84 -16.77 4.38
N ASP A 191 -21.73 -17.16 5.27
CA ASP A 191 -23.16 -17.16 5.02
C ASP A 191 -23.94 -16.87 6.32
N LEU A 192 -25.25 -16.64 6.20
CA LEU A 192 -26.14 -16.42 7.35
C LEU A 192 -26.17 -17.64 8.34
N PRO A 193 -26.19 -18.92 7.90
CA PRO A 193 -26.14 -20.02 8.88
C PRO A 193 -24.84 -20.00 9.72
N THR A 194 -23.66 -19.72 9.11
CA THR A 194 -22.41 -19.63 9.88
C THR A 194 -22.45 -18.42 10.84
N TYR A 195 -23.02 -17.32 10.37
CA TYR A 195 -23.17 -16.08 11.13
C TYR A 195 -24.03 -16.32 12.39
N CYS A 196 -25.13 -17.04 12.23
CA CYS A 196 -26.05 -17.43 13.29
C CYS A 196 -25.36 -18.39 14.27
N ARG A 197 -24.61 -19.37 13.75
CA ARG A 197 -23.87 -20.31 14.59
C ARG A 197 -22.74 -19.58 15.37
N ALA A 198 -22.07 -18.59 14.77
CA ALA A 198 -21.04 -17.82 15.48
C ALA A 198 -21.65 -17.01 16.66
N LEU A 199 -22.88 -16.49 16.49
CA LEU A 199 -23.61 -15.77 17.55
C LEU A 199 -23.99 -16.75 18.67
N ARG A 200 -24.34 -18.01 18.33
CA ARG A 200 -24.60 -19.05 19.31
C ARG A 200 -23.33 -19.41 20.06
N ASN A 201 -22.19 -19.53 19.37
CA ASN A 201 -20.89 -19.81 20.00
C ASN A 201 -20.44 -18.75 21.00
N LEU A 202 -20.63 -17.48 20.69
CA LEU A 202 -20.29 -16.39 21.61
C LEU A 202 -21.23 -16.36 22.81
N GLY A 203 -22.47 -16.83 22.61
CA GLY A 203 -23.43 -16.95 23.69
C GLY A 203 -22.95 -17.91 24.76
N SER A 204 -22.15 -18.93 24.38
CA SER A 204 -21.59 -19.90 25.33
C SER A 204 -20.63 -19.28 26.35
N LEU A 205 -20.10 -18.07 26.05
CA LEU A 205 -19.23 -17.26 26.90
C LEU A 205 -20.04 -16.30 27.83
N LEU A 206 -21.33 -16.08 27.50
CA LEU A 206 -22.18 -15.18 28.22
C LEU A 206 -23.03 -15.82 29.27
N LYS A 207 -23.19 -15.09 30.39
CA LYS A 207 -24.11 -15.39 31.46
C LYS A 207 -25.56 -15.27 30.89
N PRO A 208 -26.59 -15.91 31.51
CA PRO A 208 -27.97 -15.64 31.06
C PRO A 208 -28.27 -14.16 31.35
N GLY A 209 -28.86 -13.46 30.39
CA GLY A 209 -29.11 -12.04 30.53
C GLY A 209 -27.89 -11.18 30.22
N GLY A 210 -26.81 -11.81 29.73
CA GLY A 210 -25.57 -11.13 29.35
C GLY A 210 -25.75 -10.29 28.11
N PHE A 211 -24.95 -9.23 27.96
CA PHE A 211 -25.04 -8.33 26.81
C PHE A 211 -24.20 -8.72 25.61
N LEU A 212 -24.78 -8.60 24.44
CA LEU A 212 -24.13 -8.82 23.15
C LEU A 212 -24.10 -7.46 22.43
N VAL A 213 -22.91 -6.86 22.28
CA VAL A 213 -22.78 -5.57 21.59
C VAL A 213 -22.09 -5.84 20.26
N ILE A 214 -22.74 -5.51 19.12
CA ILE A 214 -22.19 -5.74 17.78
C ILE A 214 -22.21 -4.44 16.98
N MET A 215 -21.15 -4.18 16.21
CA MET A 215 -21.09 -3.01 15.33
C MET A 215 -20.39 -3.49 14.07
N ASP A 216 -21.04 -3.36 12.92
CA ASP A 216 -20.49 -3.89 11.69
C ASP A 216 -21.05 -3.22 10.43
N ALA A 217 -20.58 -3.65 9.24
CA ALA A 217 -20.98 -3.01 8.01
C ALA A 217 -22.23 -3.59 7.40
N LEU A 218 -22.95 -2.75 6.63
CA LEU A 218 -24.18 -3.17 5.99
C LEU A 218 -23.96 -3.30 4.52
N LYS A 219 -24.48 -4.34 3.91
CA LYS A 219 -24.47 -4.64 2.47
C LYS A 219 -23.09 -4.52 1.78
N SER A 220 -22.04 -4.91 2.47
CA SER A 220 -20.69 -4.87 1.93
C SER A 220 -20.27 -6.29 1.53
N SER A 221 -19.71 -6.49 0.34
CA SER A 221 -19.24 -7.83 -0.08
C SER A 221 -17.70 -7.99 -0.04
N TYR A 222 -16.97 -6.88 0.18
CA TYR A 222 -15.53 -6.87 0.30
C TYR A 222 -15.09 -5.58 1.07
N TYR A 223 -13.87 -5.61 1.61
CA TYR A 223 -13.17 -4.47 2.21
C TYR A 223 -11.67 -4.60 1.85
N MET A 224 -10.93 -3.49 1.82
CA MET A 224 -9.53 -3.50 1.39
C MET A 224 -8.58 -3.11 2.47
N ILE A 225 -7.37 -3.68 2.45
CA ILE A 225 -6.23 -3.24 3.24
C ILE A 225 -5.26 -2.92 2.11
N GLY A 226 -5.23 -1.65 1.72
CA GLY A 226 -4.45 -1.23 0.56
C GLY A 226 -4.98 -1.89 -0.71
N GLU A 227 -4.17 -2.80 -1.29
CA GLU A 227 -4.55 -3.50 -2.50
C GLU A 227 -4.95 -4.98 -2.24
N GLN A 228 -5.00 -5.41 -0.96
CA GLN A 228 -5.42 -6.77 -0.59
C GLN A 228 -6.94 -6.76 -0.34
N LYS A 229 -7.69 -7.55 -1.11
CA LYS A 229 -9.15 -7.58 -0.97
C LYS A 229 -9.59 -8.73 -0.09
N PHE A 230 -10.39 -8.41 0.92
CA PHE A 230 -10.86 -9.42 1.88
C PHE A 230 -12.36 -9.48 1.78
N SER A 231 -12.93 -10.67 1.96
CA SER A 231 -14.38 -10.86 1.90
C SER A 231 -15.13 -10.29 3.07
N SER A 232 -16.34 -9.85 2.80
CA SER A 232 -17.33 -9.37 3.74
C SER A 232 -18.68 -10.01 3.34
N LEU A 233 -19.51 -10.32 4.34
CA LEU A 233 -20.82 -10.90 4.15
C LEU A 233 -21.81 -9.75 3.93
N PRO A 234 -22.41 -9.67 2.72
CA PRO A 234 -23.40 -8.62 2.46
C PRO A 234 -24.65 -8.83 3.31
N LEU A 235 -24.81 -8.06 4.38
CA LEU A 235 -25.96 -8.20 5.26
C LEU A 235 -26.78 -6.97 5.24
N GLY A 236 -28.09 -7.13 5.20
CA GLY A 236 -28.99 -6.00 5.35
C GLY A 236 -29.47 -5.90 6.77
N ARG A 237 -30.15 -4.79 7.12
CA ARG A 237 -30.67 -4.58 8.48
C ARG A 237 -31.51 -5.77 9.00
N GLU A 238 -32.42 -6.28 8.16
CA GLU A 238 -33.33 -7.38 8.45
C GLU A 238 -32.64 -8.71 8.71
N ALA A 239 -31.65 -9.08 7.87
CA ALA A 239 -30.92 -10.34 8.05
C ALA A 239 -30.12 -10.35 9.33
N VAL A 240 -29.60 -9.19 9.76
CA VAL A 240 -28.84 -9.13 11.01
C VAL A 240 -29.83 -9.33 12.18
N GLU A 241 -30.93 -8.56 12.20
CA GLU A 241 -32.00 -8.63 13.20
C GLU A 241 -32.48 -10.09 13.37
N ALA A 242 -32.87 -10.74 12.28
CA ALA A 242 -33.32 -12.12 12.28
C ALA A 242 -32.29 -13.13 12.77
N ALA A 243 -31.03 -12.99 12.36
CA ALA A 243 -29.98 -13.92 12.78
C ALA A 243 -29.67 -13.76 14.24
N VAL A 244 -29.68 -12.51 14.75
CA VAL A 244 -29.43 -12.28 16.17
C VAL A 244 -30.57 -12.94 17.01
N LYS A 245 -31.83 -12.76 16.58
CA LYS A 245 -32.99 -13.33 17.26
C LYS A 245 -32.98 -14.86 17.25
N GLU A 246 -32.60 -15.48 16.14
CA GLU A 246 -32.54 -16.94 16.02
C GLU A 246 -31.44 -17.55 16.90
N ALA A 247 -30.33 -16.82 17.06
CA ALA A 247 -29.20 -17.24 17.89
C ALA A 247 -29.48 -17.31 19.39
N GLY A 248 -30.64 -16.83 19.83
CA GLY A 248 -31.01 -16.87 21.23
C GLY A 248 -30.89 -15.55 21.96
N TYR A 249 -31.11 -14.43 21.25
CA TYR A 249 -30.99 -13.10 21.84
C TYR A 249 -32.25 -12.27 21.69
N THR A 250 -32.36 -11.19 22.45
CA THR A 250 -33.47 -10.26 22.35
C THR A 250 -32.84 -8.86 22.15
N ILE A 251 -33.11 -8.20 21.02
CA ILE A 251 -32.49 -6.89 20.74
C ILE A 251 -33.02 -5.76 21.67
N GLU A 252 -32.12 -5.09 22.35
CA GLU A 252 -32.43 -3.96 23.22
C GLU A 252 -32.58 -2.75 22.28
N TRP A 253 -31.55 -2.48 21.46
CA TRP A 253 -31.63 -1.41 20.49
C TRP A 253 -30.75 -1.67 19.27
N PHE A 254 -31.14 -1.07 18.15
CA PHE A 254 -30.54 -1.31 16.86
C PHE A 254 -30.51 -0.01 16.08
N GLU A 255 -29.31 0.46 15.76
CA GLU A 255 -29.10 1.70 15.04
C GLU A 255 -28.49 1.43 13.66
N VAL A 256 -28.83 2.28 12.67
CA VAL A 256 -28.34 2.18 11.32
C VAL A 256 -27.90 3.58 10.85
N ILE A 257 -26.61 3.71 10.55
CA ILE A 257 -26.08 4.96 9.99
C ILE A 257 -25.87 4.75 8.48
N SER A 258 -26.15 5.77 7.67
CA SER A 258 -25.99 5.66 6.22
C SER A 258 -24.54 5.91 5.75
N GLN A 259 -23.65 6.38 6.65
CA GLN A 259 -22.23 6.65 6.39
C GLN A 259 -21.43 5.41 6.02
N SER A 260 -20.72 5.49 4.89
CA SER A 260 -19.94 4.41 4.33
C SER A 260 -18.48 4.79 4.19
N TYR A 261 -17.62 3.78 4.12
CA TYR A 261 -16.19 3.98 3.95
C TYR A 261 -15.95 4.50 2.53
N SER A 262 -14.73 5.00 2.26
CA SER A 262 -14.35 5.48 0.92
C SER A 262 -14.57 4.40 -0.12
N SER A 263 -14.98 4.77 -1.35
CA SER A 263 -15.22 3.83 -2.46
C SER A 263 -14.00 2.96 -2.73
N THR A 264 -12.80 3.51 -2.53
CA THR A 264 -11.53 2.82 -2.71
C THR A 264 -11.18 1.85 -1.58
N MET A 265 -12.04 1.71 -0.56
CA MET A 265 -11.76 0.81 0.55
C MET A 265 -12.87 -0.21 0.82
N ALA A 266 -14.14 0.07 0.42
CA ALA A 266 -15.28 -0.86 0.61
C ALA A 266 -16.52 -0.40 -0.18
N ASN A 267 -17.46 -1.33 -0.41
CA ASN A 267 -18.75 -1.08 -1.07
C ASN A 267 -19.91 -1.12 -0.04
N ASN A 268 -19.64 -0.80 1.24
CA ASN A 268 -20.68 -0.85 2.24
C ASN A 268 -21.73 0.22 2.04
N GLU A 269 -22.95 -0.11 2.42
CA GLU A 269 -24.06 0.81 2.36
C GLU A 269 -24.42 1.12 3.80
N GLY A 270 -23.53 1.82 4.48
CA GLY A 270 -23.71 2.18 5.87
C GLY A 270 -23.20 1.16 6.86
N LEU A 271 -23.54 1.37 8.14
CA LEU A 271 -23.14 0.50 9.26
C LEU A 271 -24.27 0.32 10.26
N PHE A 272 -24.15 -0.71 11.11
CA PHE A 272 -25.14 -0.91 12.17
C PHE A 272 -24.46 -1.07 13.54
N SER A 273 -25.22 -0.78 14.59
CA SER A 273 -24.84 -0.94 15.98
C SER A 273 -26.02 -1.65 16.64
N LEU A 274 -25.77 -2.59 17.55
CA LEU A 274 -26.84 -3.23 18.31
C LEU A 274 -26.40 -3.64 19.73
N VAL A 275 -27.33 -3.62 20.67
CA VAL A 275 -27.16 -4.13 22.02
C VAL A 275 -28.26 -5.20 22.17
N ALA A 276 -27.91 -6.45 22.39
CA ALA A 276 -28.88 -7.52 22.55
C ALA A 276 -28.64 -8.24 23.90
N ARG A 277 -29.62 -9.00 24.38
CA ARG A 277 -29.52 -9.68 25.66
C ARG A 277 -29.63 -11.17 25.43
N LYS A 278 -28.71 -11.97 25.99
CA LYS A 278 -28.74 -13.43 25.83
C LYS A 278 -29.94 -13.96 26.59
N LEU A 279 -30.87 -14.63 25.90
CA LEU A 279 -32.10 -15.12 26.55
C LEU A 279 -31.85 -16.20 27.61
N SER B 11 6.43 22.17 0.95
CA SER B 11 7.67 22.96 0.84
C SER B 11 8.08 23.26 -0.62
N SER B 12 7.06 23.30 -1.51
CA SER B 12 7.08 23.51 -2.95
C SER B 12 8.47 23.67 -3.63
N GLY B 13 9.16 22.55 -3.87
CA GLY B 13 10.42 22.58 -4.60
C GLY B 13 11.73 22.65 -3.85
N LEU B 14 11.88 23.58 -2.87
CA LEU B 14 13.08 23.79 -2.04
C LEU B 14 13.73 22.49 -1.59
N VAL B 15 12.88 21.56 -1.16
CA VAL B 15 13.26 20.30 -0.58
C VAL B 15 12.24 19.22 -1.06
N PRO B 16 12.66 17.95 -1.22
CA PRO B 16 11.71 16.92 -1.70
C PRO B 16 10.53 16.74 -0.76
N ARG B 17 9.38 16.32 -1.30
CA ARG B 17 8.15 16.06 -0.55
C ARG B 17 8.39 15.05 0.56
N GLY B 18 7.79 15.31 1.71
CA GLY B 18 7.89 14.47 2.89
C GLY B 18 9.23 14.46 3.58
N SER B 19 10.13 15.41 3.28
CA SER B 19 11.47 15.39 3.86
C SER B 19 11.84 16.55 4.76
N MET B 20 11.01 17.59 4.87
CA MET B 20 11.34 18.79 5.65
C MET B 20 11.92 18.53 7.04
N GLU B 21 11.31 17.63 7.80
CA GLU B 21 11.77 17.33 9.15
C GLU B 21 13.01 16.41 9.24
N SER B 22 12.99 15.25 8.56
CA SER B 22 14.08 14.27 8.69
C SER B 22 15.19 14.33 7.65
N GLY B 23 14.96 15.02 6.54
CA GLY B 23 15.98 15.13 5.49
C GLY B 23 15.81 14.17 4.32
N PHE B 24 14.85 13.25 4.44
CA PHE B 24 14.59 12.28 3.40
C PHE B 24 13.08 12.00 3.32
N THR B 25 12.57 11.76 2.10
CA THR B 25 11.16 11.46 1.84
C THR B 25 10.68 10.29 2.68
N SER B 26 9.65 10.56 3.50
CA SER B 26 9.05 9.58 4.39
C SER B 26 8.22 8.56 3.60
N LYS B 27 7.98 7.34 4.18
CA LYS B 27 7.22 6.26 3.53
C LYS B 27 5.81 6.69 3.13
N ASP B 28 5.16 7.47 4.01
CA ASP B 28 3.79 7.96 3.85
C ASP B 28 3.62 8.79 2.57
N THR B 29 4.71 9.48 2.14
CA THR B 29 4.73 10.25 0.91
C THR B 29 4.56 9.33 -0.31
N TYR B 30 5.03 8.06 -0.22
CA TYR B 30 4.87 7.11 -1.32
C TYR B 30 3.45 6.60 -1.46
N LEU B 31 2.71 6.53 -0.34
CA LEU B 31 1.31 6.09 -0.40
C LEU B 31 0.44 7.20 -0.95
N SER B 32 0.70 8.44 -0.55
CA SER B 32 -0.15 9.56 -0.93
C SER B 32 0.23 10.31 -2.23
N HIS B 33 1.52 10.58 -2.45
CA HIS B 33 1.93 11.39 -3.59
C HIS B 33 2.59 10.71 -4.77
N PHE B 34 2.86 9.40 -4.73
CA PHE B 34 3.47 8.74 -5.89
C PHE B 34 2.34 8.30 -6.85
N ASN B 35 2.22 8.92 -8.05
CA ASN B 35 1.18 8.56 -9.05
C ASN B 35 1.72 7.55 -10.08
N PRO B 36 1.20 6.31 -10.10
CA PRO B 36 1.78 5.32 -11.02
C PRO B 36 1.71 5.73 -12.47
N ARG B 37 0.55 6.21 -12.92
CA ARG B 37 0.34 6.66 -14.28
C ARG B 37 1.30 7.78 -14.70
N ASP B 38 1.50 8.77 -13.83
CA ASP B 38 2.40 9.88 -14.09
C ASP B 38 3.86 9.45 -14.09
N TYR B 39 4.22 8.48 -13.23
CA TYR B 39 5.59 7.97 -13.14
C TYR B 39 5.93 7.17 -14.41
N LEU B 40 4.96 6.39 -14.91
CA LEU B 40 5.03 5.59 -16.12
C LEU B 40 5.05 6.48 -17.35
N GLU B 41 4.23 7.54 -17.37
CA GLU B 41 4.16 8.45 -18.51
C GLU B 41 5.47 9.18 -18.71
N LYS B 42 6.13 9.52 -17.60
CA LYS B 42 7.38 10.26 -17.53
C LYS B 42 8.64 9.44 -17.90
N TYR B 43 8.71 8.18 -17.46
CA TYR B 43 9.92 7.40 -17.64
C TYR B 43 9.83 6.21 -18.55
N TYR B 44 8.62 5.65 -18.76
CA TYR B 44 8.53 4.38 -19.49
C TYR B 44 7.69 4.40 -20.75
N LYS B 45 7.35 5.60 -21.26
CA LYS B 45 6.61 5.76 -22.52
C LYS B 45 7.38 5.07 -23.66
N PHE B 46 8.70 5.32 -23.76
CA PHE B 46 9.57 4.64 -24.73
C PHE B 46 9.05 4.78 -26.15
N SER B 48 10.97 6.66 -29.93
CA SER B 48 10.83 7.29 -28.61
C SER B 48 11.88 8.39 -28.39
N ARG B 49 12.10 9.20 -29.44
CA ARG B 49 12.98 10.36 -29.52
C ARG B 49 14.41 10.19 -28.94
N HIS B 50 14.93 8.95 -28.80
CA HIS B 50 16.28 8.69 -28.27
C HIS B 50 16.62 9.51 -27.00
N SER B 51 15.58 9.80 -26.17
CA SER B 51 15.70 10.53 -24.92
C SER B 51 16.59 9.81 -23.91
N ALA B 52 17.08 10.52 -22.89
CA ALA B 52 17.94 9.97 -21.86
C ALA B 52 17.22 8.83 -21.11
N GLU B 53 15.93 8.98 -20.85
CA GLU B 53 15.10 7.96 -20.19
C GLU B 53 14.98 6.70 -21.06
N SER B 54 14.76 6.87 -22.36
CA SER B 54 14.64 5.77 -23.31
C SER B 54 15.97 5.04 -23.40
N GLN B 55 17.09 5.80 -23.45
CA GLN B 55 18.44 5.29 -23.51
C GLN B 55 18.81 4.48 -22.27
N ILE B 56 18.37 4.96 -21.12
CA ILE B 56 18.60 4.33 -19.84
C ILE B 56 17.85 3.03 -19.77
N LEU B 57 16.58 3.01 -20.22
CA LEU B 57 15.75 1.84 -20.22
C LEU B 57 16.29 0.77 -21.19
N LYS B 58 16.84 1.17 -22.34
CA LYS B 58 17.45 0.23 -23.28
C LYS B 58 18.63 -0.47 -22.63
N HIS B 59 19.42 0.28 -21.83
CA HIS B 59 20.56 -0.26 -21.13
C HIS B 59 20.13 -1.21 -20.05
N LEU B 60 19.14 -0.85 -19.24
CA LEU B 60 18.61 -1.73 -18.19
C LEU B 60 18.14 -3.06 -18.80
N LEU B 61 17.43 -2.99 -19.96
CA LEU B 61 16.94 -4.16 -20.69
C LEU B 61 18.07 -5.03 -21.20
N LYS B 62 19.14 -4.42 -21.72
CA LYS B 62 20.28 -5.19 -22.23
C LYS B 62 21.03 -5.84 -21.08
N ASN B 63 21.17 -5.13 -19.95
CA ASN B 63 21.76 -5.68 -18.75
C ASN B 63 20.96 -6.87 -18.23
N LEU B 64 19.63 -6.73 -18.15
CA LEU B 64 18.76 -7.79 -17.64
C LEU B 64 18.74 -8.98 -18.57
N PHE B 65 18.80 -8.73 -19.88
CA PHE B 65 18.90 -9.77 -20.91
C PHE B 65 20.21 -10.52 -20.70
N LYS B 66 21.32 -9.80 -20.41
CA LYS B 66 22.60 -10.47 -20.19
C LYS B 66 22.59 -11.26 -18.90
N ILE B 67 22.03 -10.72 -17.81
CA ILE B 67 21.95 -11.41 -16.52
C ILE B 67 21.12 -12.66 -16.58
N PHE B 68 19.89 -12.58 -17.10
CA PHE B 68 19.01 -13.74 -17.07
C PHE B 68 19.14 -14.71 -18.26
N CYS B 69 19.42 -14.22 -19.49
CA CYS B 69 19.47 -15.10 -20.65
C CYS B 69 20.85 -15.56 -21.06
N LEU B 70 21.90 -14.78 -20.75
CA LEU B 70 23.25 -15.12 -21.16
C LEU B 70 24.03 -15.81 -20.04
N ASP B 71 23.97 -15.23 -18.84
CA ASP B 71 24.62 -15.77 -17.65
C ASP B 71 23.75 -16.90 -17.00
N GLY B 72 24.26 -17.51 -15.93
CA GLY B 72 23.55 -18.61 -15.28
C GLY B 72 22.55 -18.20 -14.21
N VAL B 73 21.88 -17.06 -14.39
CA VAL B 73 20.92 -16.61 -13.39
C VAL B 73 19.55 -17.19 -13.71
N LYS B 74 19.30 -18.37 -13.13
CA LYS B 74 18.12 -19.21 -13.32
C LYS B 74 17.59 -19.73 -11.97
N GLY B 75 16.40 -20.32 -11.98
CA GLY B 75 15.84 -20.90 -10.78
C GLY B 75 14.35 -21.08 -10.78
N ASP B 76 13.81 -21.43 -9.64
CA ASP B 76 12.40 -21.62 -9.42
C ASP B 76 11.71 -20.28 -9.10
N LEU B 77 12.14 -19.54 -8.06
CA LEU B 77 11.46 -18.29 -7.69
C LEU B 77 12.32 -17.00 -7.70
N LEU B 78 11.79 -15.93 -8.30
CA LEU B 78 12.38 -14.61 -8.28
C LEU B 78 11.41 -13.69 -7.58
N ILE B 79 11.91 -12.91 -6.63
CA ILE B 79 11.11 -11.91 -5.95
C ILE B 79 11.66 -10.57 -6.43
N ASP B 80 10.77 -9.71 -6.97
CA ASP B 80 11.14 -8.38 -7.42
C ASP B 80 10.71 -7.43 -6.32
N ILE B 81 11.67 -6.67 -5.77
CA ILE B 81 11.53 -5.71 -4.66
C ILE B 81 11.33 -4.25 -5.12
N GLY B 82 10.21 -3.64 -4.74
CA GLY B 82 9.93 -2.25 -5.10
C GLY B 82 9.71 -2.14 -6.59
N SER B 83 8.87 -3.02 -7.09
CA SER B 83 8.50 -3.10 -8.49
C SER B 83 7.86 -1.81 -9.02
N GLY B 84 7.17 -1.08 -8.16
CA GLY B 84 6.39 0.07 -8.58
C GLY B 84 5.26 -0.41 -9.48
N PRO B 85 4.92 0.37 -10.52
CA PRO B 85 3.94 -0.12 -11.49
C PRO B 85 4.61 -0.69 -12.75
N THR B 86 5.90 -1.09 -12.69
CA THR B 86 6.62 -1.53 -13.90
C THR B 86 6.77 -3.01 -14.08
N ILE B 87 6.89 -3.46 -15.33
CA ILE B 87 7.10 -4.89 -15.61
C ILE B 87 8.28 -5.16 -16.56
N TYR B 88 9.00 -4.11 -17.03
CA TYR B 88 10.16 -4.23 -17.93
C TYR B 88 11.30 -5.07 -17.28
N GLN B 89 11.46 -4.93 -15.97
CA GLN B 89 12.51 -5.61 -15.24
C GLN B 89 12.30 -7.11 -15.13
N LEU B 90 11.14 -7.64 -15.60
CA LEU B 90 10.78 -9.05 -15.50
C LEU B 90 10.67 -9.78 -16.84
N LEU B 91 10.64 -9.04 -17.96
CA LEU B 91 10.47 -9.57 -19.30
C LEU B 91 11.47 -10.66 -19.66
N SER B 92 12.77 -10.41 -19.51
CA SER B 92 13.78 -11.44 -19.79
C SER B 92 13.81 -12.48 -18.65
N ALA B 93 13.54 -12.06 -17.40
CA ALA B 93 13.59 -12.91 -16.23
C ALA B 93 12.57 -14.05 -16.27
N CYS B 94 11.41 -13.86 -16.92
CA CYS B 94 10.40 -14.92 -17.01
C CYS B 94 10.86 -16.13 -17.86
N GLU B 95 11.96 -15.98 -18.61
CA GLU B 95 12.53 -17.04 -19.43
C GLU B 95 13.45 -17.97 -18.59
N SER B 96 13.97 -17.47 -17.46
CA SER B 96 14.88 -18.20 -16.56
C SER B 96 14.26 -18.61 -15.23
N PHE B 97 13.08 -18.10 -14.89
CA PHE B 97 12.44 -18.39 -13.62
C PHE B 97 11.02 -18.91 -13.84
N LYS B 98 10.61 -19.93 -13.05
CA LYS B 98 9.27 -20.53 -13.12
C LYS B 98 8.20 -19.63 -12.47
N GLU B 99 8.53 -19.06 -11.30
CA GLU B 99 7.61 -18.22 -10.55
C GLU B 99 8.24 -16.86 -10.28
N ILE B 100 7.43 -15.80 -10.34
CA ILE B 100 7.88 -14.44 -10.05
C ILE B 100 6.87 -13.80 -9.09
N VAL B 101 7.35 -13.20 -8.00
CA VAL B 101 6.49 -12.48 -7.06
C VAL B 101 6.87 -10.97 -7.15
N VAL B 102 5.92 -10.12 -7.51
CA VAL B 102 6.16 -8.69 -7.60
C VAL B 102 5.75 -8.04 -6.31
N THR B 103 6.56 -7.13 -5.83
CA THR B 103 6.30 -6.48 -4.54
C THR B 103 6.48 -4.97 -4.61
N ASP B 104 5.76 -4.20 -3.79
CA ASP B 104 5.93 -2.75 -3.67
C ASP B 104 5.30 -2.22 -2.38
N TYR B 105 5.80 -1.10 -1.85
CA TYR B 105 5.25 -0.49 -0.63
C TYR B 105 3.92 0.23 -0.91
N SER B 106 3.85 0.89 -2.05
CA SER B 106 2.70 1.68 -2.44
C SER B 106 1.64 0.80 -3.08
N ASP B 107 0.46 0.74 -2.47
CA ASP B 107 -0.63 -0.11 -2.96
C ASP B 107 -1.25 0.39 -4.26
N GLN B 108 -1.10 1.67 -4.58
CA GLN B 108 -1.55 2.18 -5.86
C GLN B 108 -0.67 1.68 -7.00
N ASN B 109 0.62 1.38 -6.72
CA ASN B 109 1.54 0.80 -7.68
C ASN B 109 1.13 -0.67 -7.96
N LEU B 110 0.75 -1.40 -6.87
CA LEU B 110 0.26 -2.78 -6.94
C LEU B 110 -1.04 -2.87 -7.72
N GLN B 111 -1.90 -1.84 -7.64
CA GLN B 111 -3.15 -1.80 -8.39
C GLN B 111 -2.85 -1.70 -9.88
N GLU B 112 -1.85 -0.90 -10.27
CA GLU B 112 -1.44 -0.72 -11.65
C GLU B 112 -0.85 -2.02 -12.23
N LEU B 113 -0.12 -2.81 -11.41
CA LEU B 113 0.47 -4.10 -11.83
C LEU B 113 -0.61 -5.13 -12.06
N GLU B 114 -1.59 -5.19 -11.15
CA GLU B 114 -2.72 -6.09 -11.27
C GLU B 114 -3.60 -5.76 -12.47
N LYS B 115 -3.65 -4.48 -12.89
CA LYS B 115 -4.39 -4.10 -14.08
C LYS B 115 -3.72 -4.72 -15.31
N TRP B 116 -2.38 -4.65 -15.35
CA TRP B 116 -1.62 -5.19 -16.46
C TRP B 116 -1.69 -6.72 -16.47
N LEU B 117 -1.66 -7.36 -15.29
CA LEU B 117 -1.75 -8.80 -15.14
C LEU B 117 -3.09 -9.35 -15.67
N LYS B 118 -4.17 -8.61 -15.48
CA LYS B 118 -5.47 -9.00 -16.00
C LYS B 118 -5.68 -8.54 -17.48
N ALA B 119 -4.67 -7.92 -18.12
CA ALA B 119 -4.73 -7.36 -19.47
C ALA B 119 -5.93 -6.44 -19.65
N ALA B 120 -6.24 -5.66 -18.60
CA ALA B 120 -7.33 -4.69 -18.59
C ALA B 120 -7.02 -3.62 -19.60
N PRO B 121 -7.99 -3.21 -20.41
CA PRO B 121 -7.73 -2.16 -21.41
C PRO B 121 -7.22 -0.84 -20.82
N ALA B 122 -7.58 -0.52 -19.59
CA ALA B 122 -7.14 0.71 -18.90
C ALA B 122 -5.68 0.68 -18.49
N ALA B 123 -5.07 -0.51 -18.37
CA ALA B 123 -3.68 -0.64 -17.94
C ALA B 123 -2.70 0.10 -18.87
N PHE B 124 -1.45 0.32 -18.41
CA PHE B 124 -0.44 0.98 -19.23
C PHE B 124 0.04 -0.02 -20.25
N ASP B 125 0.37 0.45 -21.43
CA ASP B 125 0.84 -0.30 -22.59
C ASP B 125 2.38 -0.52 -22.61
N TRP B 126 2.84 -1.78 -22.48
CA TRP B 126 4.27 -2.08 -22.52
C TRP B 126 4.75 -2.60 -23.91
N SER B 127 3.85 -2.64 -24.91
CA SER B 127 4.12 -3.13 -26.27
C SER B 127 5.49 -2.72 -26.85
N PRO B 128 5.87 -1.41 -26.95
CA PRO B 128 7.18 -1.09 -27.52
C PRO B 128 8.38 -1.61 -26.71
N VAL B 129 8.23 -1.74 -25.39
CA VAL B 129 9.26 -2.28 -24.52
C VAL B 129 9.34 -3.80 -24.74
N VAL B 130 8.17 -4.47 -24.80
CA VAL B 130 8.06 -5.91 -24.99
C VAL B 130 8.71 -6.30 -26.31
N THR B 131 8.34 -5.58 -27.39
CA THR B 131 8.90 -5.77 -28.73
C THR B 131 10.43 -5.68 -28.69
N TYR B 132 10.98 -4.62 -28.05
CA TYR B 132 12.42 -4.39 -27.91
C TYR B 132 13.10 -5.59 -27.24
N VAL B 133 12.57 -6.10 -26.12
CA VAL B 133 13.14 -7.28 -25.45
C VAL B 133 13.06 -8.52 -26.36
N CYS B 134 11.93 -8.70 -27.07
CA CYS B 134 11.76 -9.81 -28.00
C CYS B 134 12.84 -9.76 -29.11
N ASP B 135 13.17 -8.55 -29.61
CA ASP B 135 14.23 -8.40 -30.62
C ASP B 135 15.59 -8.79 -30.02
N LEU B 136 15.85 -8.44 -28.75
CA LEU B 136 17.10 -8.76 -28.03
C LEU B 136 17.32 -10.26 -27.89
N GLU B 137 16.23 -11.03 -27.65
CA GLU B 137 16.28 -12.47 -27.43
C GLU B 137 16.27 -13.31 -28.68
N GLY B 138 16.57 -12.72 -29.83
CA GLY B 138 16.61 -13.46 -31.08
C GLY B 138 15.32 -13.52 -31.84
N ASN B 139 14.32 -12.72 -31.45
CA ASN B 139 13.03 -12.71 -32.12
C ASN B 139 12.38 -14.12 -32.25
N ARG B 140 12.62 -15.01 -31.25
CA ARG B 140 12.06 -16.37 -31.26
C ARG B 140 10.53 -16.28 -31.21
N VAL B 141 10.01 -15.49 -30.30
CA VAL B 141 8.57 -15.26 -30.18
C VAL B 141 8.28 -13.76 -30.37
N LYS B 142 7.02 -13.42 -30.66
CA LYS B 142 6.65 -12.02 -30.83
C LYS B 142 6.16 -11.44 -29.49
N GLY B 143 5.85 -10.15 -29.45
CA GLY B 143 5.35 -9.44 -28.28
C GLY B 143 4.19 -10.10 -27.55
N PRO B 144 3.07 -10.40 -28.22
CA PRO B 144 1.91 -11.01 -27.52
C PRO B 144 2.21 -12.30 -26.76
N GLU B 145 3.03 -13.19 -27.33
CA GLU B 145 3.43 -14.42 -26.67
C GLU B 145 4.31 -14.16 -25.45
N LYS B 146 5.22 -13.17 -25.54
CA LYS B 146 6.10 -12.79 -24.45
C LYS B 146 5.33 -12.27 -23.22
N GLU B 147 4.39 -11.32 -23.43
CA GLU B 147 3.56 -10.75 -22.36
C GLU B 147 2.82 -11.83 -21.62
N GLU B 148 2.27 -12.81 -22.35
CA GLU B 148 1.51 -13.92 -21.75
C GLU B 148 2.40 -14.87 -20.96
N LYS B 149 3.63 -15.04 -21.42
CA LYS B 149 4.60 -15.85 -20.68
C LYS B 149 4.92 -15.12 -19.34
N LEU B 150 5.09 -13.79 -19.35
CA LEU B 150 5.35 -13.04 -18.12
C LEU B 150 4.15 -13.06 -17.18
N ARG B 151 2.95 -12.83 -17.74
CA ARG B 151 1.69 -12.84 -17.02
C ARG B 151 1.44 -14.14 -16.30
N GLN B 152 1.69 -15.28 -16.95
CA GLN B 152 1.54 -16.58 -16.32
C GLN B 152 2.58 -16.82 -15.20
N ALA B 153 3.81 -16.28 -15.33
CA ALA B 153 4.84 -16.47 -14.31
C ALA B 153 4.64 -15.62 -13.09
N VAL B 154 3.85 -14.54 -13.15
CA VAL B 154 3.64 -13.71 -11.96
C VAL B 154 2.59 -14.39 -11.09
N LYS B 155 3.03 -14.86 -9.91
CA LYS B 155 2.21 -15.68 -9.03
C LYS B 155 1.59 -14.89 -7.94
N GLN B 156 2.34 -13.93 -7.37
CA GLN B 156 1.82 -13.07 -6.31
C GLN B 156 2.21 -11.61 -6.49
N VAL B 157 1.35 -10.73 -5.97
CA VAL B 157 1.48 -9.28 -5.99
C VAL B 157 1.31 -8.95 -4.53
N LEU B 158 2.43 -8.64 -3.83
CA LEU B 158 2.43 -8.41 -2.38
C LEU B 158 2.94 -7.03 -1.96
N LYS B 159 2.69 -6.65 -0.70
CA LYS B 159 3.16 -5.41 -0.08
C LYS B 159 4.53 -5.69 0.51
N CYS B 160 5.42 -4.77 0.25
CA CYS B 160 6.82 -4.86 0.57
C CYS B 160 7.27 -3.66 1.41
N ASP B 161 8.27 -3.84 2.31
CA ASP B 161 8.85 -2.77 3.13
C ASP B 161 10.24 -3.19 3.46
N VAL B 162 11.20 -2.72 2.66
CA VAL B 162 12.61 -3.08 2.75
C VAL B 162 13.26 -2.79 4.09
N THR B 163 12.68 -1.85 4.86
CA THR B 163 13.19 -1.41 6.16
C THR B 163 12.76 -2.30 7.35
N GLN B 164 12.00 -3.39 7.09
CA GLN B 164 11.47 -4.33 8.10
C GLN B 164 12.19 -5.66 8.06
N SER B 165 12.49 -6.25 9.25
CA SER B 165 13.22 -7.53 9.31
C SER B 165 12.61 -8.63 8.41
N GLN B 166 11.31 -8.57 8.23
CA GLN B 166 10.56 -9.43 7.36
C GLN B 166 9.97 -8.46 6.33
N PRO B 167 10.64 -8.27 5.17
CA PRO B 167 10.15 -7.27 4.21
C PRO B 167 8.79 -7.57 3.62
N LEU B 168 8.45 -8.86 3.52
CA LEU B 168 7.13 -9.23 3.02
C LEU B 168 6.08 -9.50 4.13
N GLY B 169 6.35 -9.09 5.37
CA GLY B 169 5.42 -9.25 6.48
C GLY B 169 5.34 -10.67 7.01
N ALA B 170 4.23 -11.35 6.79
CA ALA B 170 4.09 -12.74 7.24
C ALA B 170 3.66 -13.69 6.14
N VAL B 171 3.86 -13.30 4.87
CA VAL B 171 3.50 -14.14 3.74
C VAL B 171 4.51 -15.28 3.66
N PRO B 172 4.04 -16.53 3.85
CA PRO B 172 4.96 -17.65 3.78
C PRO B 172 5.38 -17.99 2.35
N LEU B 173 6.58 -17.58 1.98
CA LEU B 173 7.12 -17.87 0.67
C LEU B 173 8.29 -18.84 0.79
N PRO B 174 8.49 -19.70 -0.21
CA PRO B 174 9.71 -20.52 -0.21
C PRO B 174 10.96 -19.65 -0.45
N PRO B 175 12.13 -20.11 0.02
CA PRO B 175 13.39 -19.38 -0.24
C PRO B 175 13.61 -19.10 -1.73
N ALA B 176 13.84 -17.81 -2.07
CA ALA B 176 13.98 -17.45 -3.49
C ALA B 176 15.34 -17.78 -4.04
N ASP B 177 15.37 -18.08 -5.34
CA ASP B 177 16.60 -18.32 -6.09
C ASP B 177 17.25 -16.97 -6.51
N CYS B 178 16.45 -15.91 -6.62
CA CYS B 178 16.91 -14.57 -6.93
C CYS B 178 16.02 -13.51 -6.29
N VAL B 179 16.63 -12.40 -5.91
CA VAL B 179 15.95 -11.21 -5.41
C VAL B 179 16.41 -10.08 -6.33
N LEU B 180 15.49 -9.44 -7.05
CA LEU B 180 15.81 -8.35 -7.99
C LEU B 180 15.23 -7.03 -7.42
N SER B 181 15.94 -5.90 -7.57
CA SER B 181 15.41 -4.63 -7.06
C SER B 181 15.92 -3.51 -7.91
N THR B 182 15.06 -3.02 -8.81
CA THR B 182 15.48 -1.97 -9.72
C THR B 182 14.91 -0.63 -9.24
N LEU B 183 15.79 0.37 -9.22
CA LEU B 183 15.52 1.75 -8.84
C LEU B 183 14.68 1.91 -7.60
N CYS B 184 14.91 1.07 -6.58
CA CYS B 184 14.14 1.14 -5.34
C CYS B 184 14.97 1.51 -4.10
N LEU B 185 16.11 0.84 -3.85
CA LEU B 185 16.90 1.06 -2.63
C LEU B 185 17.43 2.50 -2.41
N ASP B 186 17.74 3.24 -3.49
CA ASP B 186 18.16 4.65 -3.41
C ASP B 186 16.95 5.51 -2.98
N ALA B 187 15.75 5.18 -3.46
CA ALA B 187 14.55 5.89 -3.11
C ALA B 187 14.06 5.54 -1.72
N ALA B 188 14.28 4.29 -1.27
CA ALA B 188 13.78 3.79 -0.01
C ALA B 188 14.66 3.97 1.22
N CYS B 189 15.98 4.08 1.05
CA CYS B 189 16.86 4.13 2.22
C CYS B 189 17.43 5.50 2.50
N PRO B 190 17.16 6.05 3.68
CA PRO B 190 17.62 7.42 3.98
C PRO B 190 19.08 7.61 4.31
N ASP B 191 19.81 6.53 4.54
CA ASP B 191 21.22 6.60 4.89
C ASP B 191 21.89 5.25 4.60
N LEU B 192 23.23 5.23 4.62
CA LEU B 192 23.99 4.00 4.39
C LEU B 192 23.70 2.87 5.43
N PRO B 193 23.58 3.12 6.75
CA PRO B 193 23.24 2.02 7.68
C PRO B 193 21.87 1.38 7.35
N THR B 194 20.86 2.19 6.97
CA THR B 194 19.54 1.68 6.60
C THR B 194 19.61 0.90 5.32
N TYR B 195 20.44 1.37 4.36
CA TYR B 195 20.69 0.74 3.06
C TYR B 195 21.28 -0.66 3.29
N CYS B 196 22.23 -0.75 4.22
CA CYS B 196 22.90 -1.98 4.59
C CYS B 196 21.92 -2.91 5.29
N ARG B 197 21.08 -2.38 6.21
CA ARG B 197 20.07 -3.20 6.88
C ARG B 197 18.99 -3.69 5.90
N ALA B 198 18.56 -2.87 4.95
CA ALA B 198 17.59 -3.26 3.91
C ALA B 198 18.13 -4.43 3.10
N LEU B 199 19.45 -4.43 2.80
CA LEU B 199 20.12 -5.49 2.06
C LEU B 199 20.14 -6.79 2.87
N ARG B 200 20.28 -6.70 4.20
CA ARG B 200 20.22 -7.89 5.06
C ARG B 200 18.80 -8.42 5.06
N ASN B 201 17.80 -7.53 5.13
CA ASN B 201 16.39 -7.88 5.11
C ASN B 201 15.98 -8.68 3.87
N LEU B 202 16.47 -8.29 2.69
CA LEU B 202 16.16 -9.06 1.47
C LEU B 202 16.89 -10.41 1.46
N GLY B 203 18.05 -10.49 2.11
CA GLY B 203 18.84 -11.72 2.26
C GLY B 203 18.05 -12.80 2.92
N SER B 204 17.20 -12.46 3.93
CA SER B 204 16.31 -13.42 4.62
C SER B 204 15.29 -14.10 3.67
N LEU B 205 15.09 -13.52 2.48
CA LEU B 205 14.19 -14.07 1.49
C LEU B 205 14.94 -15.00 0.49
N LEU B 206 16.29 -15.05 0.56
CA LEU B 206 17.09 -15.83 -0.36
C LEU B 206 17.67 -17.10 0.24
N LYS B 207 17.83 -18.14 -0.61
CA LYS B 207 18.56 -19.34 -0.25
C LYS B 207 20.05 -18.94 -0.18
N PRO B 208 20.90 -19.57 0.69
CA PRO B 208 22.35 -19.32 0.62
C PRO B 208 22.85 -19.62 -0.82
N GLY B 209 23.74 -18.78 -1.36
CA GLY B 209 24.16 -18.91 -2.74
C GLY B 209 23.15 -18.38 -3.75
N GLY B 210 22.12 -17.68 -3.25
CA GLY B 210 21.08 -17.08 -4.07
C GLY B 210 21.55 -15.77 -4.66
N PHE B 211 20.96 -15.37 -5.81
CA PHE B 211 21.37 -14.16 -6.47
C PHE B 211 20.65 -12.89 -6.01
N LEU B 212 21.42 -11.85 -5.70
CA LEU B 212 20.91 -10.51 -5.41
C LEU B 212 21.24 -9.67 -6.64
N VAL B 213 20.20 -9.16 -7.35
CA VAL B 213 20.43 -8.34 -8.54
C VAL B 213 19.92 -6.92 -8.29
N ILE B 214 20.82 -5.94 -8.30
CA ILE B 214 20.45 -4.54 -8.06
C ILE B 214 20.79 -3.67 -9.26
N MET B 215 19.90 -2.74 -9.63
CA MET B 215 20.16 -1.75 -10.64
C MET B 215 19.59 -0.45 -10.09
N ASP B 216 20.46 0.54 -9.81
CA ASP B 216 20.01 1.80 -9.25
C ASP B 216 20.86 3.02 -9.72
N ALA B 217 20.53 4.23 -9.28
CA ALA B 217 21.19 5.45 -9.70
C ALA B 217 22.40 5.79 -8.85
N LEU B 218 23.42 6.42 -9.48
CA LEU B 218 24.63 6.82 -8.76
C LEU B 218 24.63 8.30 -8.50
N LYS B 219 25.07 8.68 -7.28
CA LYS B 219 25.22 10.04 -6.71
C LYS B 219 24.05 10.98 -7.04
N SER B 220 22.86 10.47 -6.83
CA SER B 220 21.63 11.22 -7.03
C SER B 220 21.01 11.56 -5.66
N SER B 221 20.60 12.79 -5.44
CA SER B 221 19.96 13.21 -4.19
C SER B 221 18.45 13.46 -4.33
N TYR B 222 17.94 13.48 -5.59
CA TYR B 222 16.54 13.65 -5.87
C TYR B 222 16.16 13.04 -7.25
N TYR B 223 14.86 12.79 -7.44
CA TYR B 223 14.24 12.39 -8.70
C TYR B 223 12.83 12.95 -8.73
N MET B 224 12.39 13.39 -9.89
CA MET B 224 11.12 14.04 -10.11
C MET B 224 10.13 13.16 -10.82
N ILE B 225 8.84 13.37 -10.54
CA ILE B 225 7.70 12.80 -11.22
C ILE B 225 6.85 14.05 -11.48
N GLY B 226 7.07 14.66 -12.63
CA GLY B 226 6.47 15.94 -12.97
C GLY B 226 7.13 17.00 -12.13
N GLU B 227 6.37 17.64 -11.24
CA GLU B 227 6.90 18.63 -10.32
C GLU B 227 7.06 18.07 -8.86
N GLN B 228 6.72 16.78 -8.65
CA GLN B 228 6.87 16.15 -7.35
C GLN B 228 8.33 15.74 -7.11
N LYS B 229 9.04 16.39 -6.16
CA LYS B 229 10.44 16.01 -5.87
C LYS B 229 10.50 14.90 -4.83
N PHE B 230 11.31 13.87 -5.08
CA PHE B 230 11.47 12.72 -4.20
C PHE B 230 12.93 12.49 -3.88
N SER B 231 13.24 12.18 -2.63
CA SER B 231 14.61 11.92 -2.22
C SER B 231 15.20 10.65 -2.85
N SER B 232 16.52 10.66 -2.98
CA SER B 232 17.37 9.59 -3.42
C SER B 232 18.63 9.65 -2.57
N LEU B 233 19.11 8.49 -2.10
CA LEU B 233 20.30 8.41 -1.31
C LEU B 233 21.45 8.54 -2.25
N PRO B 234 22.29 9.58 -2.10
CA PRO B 234 23.42 9.72 -3.01
C PRO B 234 24.56 8.77 -2.64
N LEU B 235 24.71 7.72 -3.44
CA LEU B 235 25.75 6.73 -3.24
C LEU B 235 26.67 6.75 -4.42
N GLY B 236 27.94 6.49 -4.18
CA GLY B 236 28.90 6.27 -5.26
C GLY B 236 29.19 4.78 -5.36
N ARG B 237 29.94 4.36 -6.40
CA ARG B 237 30.29 2.94 -6.61
C ARG B 237 30.82 2.23 -5.34
N GLU B 238 31.82 2.83 -4.70
CA GLU B 238 32.47 2.34 -3.49
C GLU B 238 31.51 2.14 -2.30
N ALA B 239 30.67 3.16 -1.98
CA ALA B 239 29.71 2.99 -0.88
C ALA B 239 28.70 1.88 -1.18
N VAL B 240 28.38 1.62 -2.46
CA VAL B 240 27.46 0.54 -2.82
C VAL B 240 28.19 -0.80 -2.60
N GLU B 241 29.40 -0.95 -3.17
CA GLU B 241 30.22 -2.16 -3.04
C GLU B 241 30.41 -2.55 -1.54
N ALA B 242 30.78 -1.56 -0.71
CA ALA B 242 31.00 -1.76 0.73
C ALA B 242 29.74 -2.13 1.50
N ALA B 243 28.57 -1.57 1.11
CA ALA B 243 27.33 -1.90 1.79
C ALA B 243 26.88 -3.30 1.40
N VAL B 244 26.99 -3.67 0.12
CA VAL B 244 26.59 -4.99 -0.35
C VAL B 244 27.41 -6.10 0.33
N LYS B 245 28.74 -5.88 0.49
CA LYS B 245 29.64 -6.83 1.14
C LYS B 245 29.33 -6.94 2.62
N GLU B 246 29.08 -5.80 3.28
CA GLU B 246 28.74 -5.79 4.71
C GLU B 246 27.43 -6.49 4.97
N ALA B 247 26.49 -6.42 4.02
CA ALA B 247 25.19 -7.09 4.13
C ALA B 247 25.24 -8.61 4.00
N GLY B 248 26.40 -9.17 3.65
CA GLY B 248 26.54 -10.61 3.56
C GLY B 248 26.54 -11.21 2.16
N TYR B 249 26.96 -10.43 1.16
CA TYR B 249 26.98 -10.92 -0.23
C TYR B 249 28.38 -10.81 -0.78
N THR B 250 28.66 -11.56 -1.84
CA THR B 250 29.93 -11.51 -2.53
C THR B 250 29.58 -11.10 -3.97
N ILE B 251 30.14 -9.97 -4.41
CA ILE B 251 29.82 -9.43 -5.72
C ILE B 251 30.42 -10.25 -6.85
N GLU B 252 29.58 -10.75 -7.75
CA GLU B 252 29.99 -11.52 -8.93
C GLU B 252 30.45 -10.53 -10.02
N TRP B 253 29.69 -9.47 -10.24
N TRP B 253 29.69 -9.47 -10.23
CA TRP B 253 30.05 -8.44 -11.20
CA TRP B 253 30.06 -8.43 -11.19
C TRP B 253 29.40 -7.10 -10.86
C TRP B 253 29.41 -7.10 -10.85
N PHE B 254 30.06 -6.01 -11.27
CA PHE B 254 29.59 -4.68 -10.97
C PHE B 254 29.88 -3.81 -12.18
N GLU B 255 28.84 -3.14 -12.68
CA GLU B 255 28.98 -2.28 -13.84
C GLU B 255 28.49 -0.89 -13.55
N VAL B 256 29.18 0.11 -14.10
CA VAL B 256 28.84 1.50 -13.95
C VAL B 256 28.74 2.10 -15.36
N ILE B 257 27.64 2.75 -15.69
CA ILE B 257 27.51 3.47 -16.96
C ILE B 257 27.30 4.95 -16.64
N SER B 258 27.91 5.82 -17.44
CA SER B 258 27.89 7.25 -17.21
C SER B 258 26.57 7.90 -17.57
N GLN B 259 25.69 7.24 -18.33
CA GLN B 259 24.41 7.81 -18.75
C GLN B 259 23.52 8.30 -17.60
N SER B 260 23.15 9.58 -17.63
CA SER B 260 22.28 10.18 -16.63
C SER B 260 20.88 10.48 -17.19
N TYR B 261 19.91 10.68 -16.33
CA TYR B 261 18.55 11.07 -16.74
C TYR B 261 18.58 12.56 -17.20
N SER B 262 17.51 13.02 -17.85
CA SER B 262 17.42 14.42 -18.27
C SER B 262 17.54 15.37 -17.08
N SER B 263 18.14 16.53 -17.34
CA SER B 263 18.39 17.60 -16.36
C SER B 263 17.22 17.83 -15.39
N THR B 264 15.99 17.87 -15.95
CA THR B 264 14.74 18.15 -15.27
C THR B 264 14.12 16.95 -14.52
N MET B 265 14.72 15.75 -14.58
CA MET B 265 14.21 14.57 -13.90
C MET B 265 15.04 14.18 -12.69
N ALA B 266 16.40 14.27 -12.76
CA ALA B 266 17.31 13.87 -11.67
C ALA B 266 18.76 14.39 -11.85
N ASN B 267 19.51 14.47 -10.73
CA ASN B 267 20.89 14.93 -10.72
C ASN B 267 21.85 13.73 -10.61
N ASN B 268 21.50 12.57 -11.22
CA ASN B 268 22.37 11.40 -11.11
C ASN B 268 23.64 11.54 -11.94
N GLU B 269 24.67 10.82 -11.53
CA GLU B 269 25.93 10.77 -12.24
C GLU B 269 26.05 9.35 -12.79
N GLY B 270 25.06 8.96 -13.58
CA GLY B 270 25.04 7.62 -14.14
C GLY B 270 24.28 6.60 -13.31
N LEU B 271 24.37 5.34 -13.73
CA LEU B 271 23.70 4.24 -13.07
C LEU B 271 24.65 3.12 -12.78
N PHE B 272 24.23 2.19 -11.91
CA PHE B 272 25.01 1.00 -11.67
C PHE B 272 24.15 -0.24 -11.72
N SER B 273 24.79 -1.37 -11.96
CA SER B 273 24.13 -2.65 -11.87
C SER B 273 25.10 -3.68 -11.33
N LEU B 274 24.61 -4.52 -10.43
CA LEU B 274 25.43 -5.57 -9.84
C LEU B 274 24.70 -6.90 -9.73
N VAL B 275 25.45 -7.99 -9.78
CA VAL B 275 25.00 -9.34 -9.53
C VAL B 275 25.83 -9.84 -8.33
N ALA B 276 25.16 -10.25 -7.24
CA ALA B 276 25.85 -10.72 -6.04
C ALA B 276 25.29 -12.08 -5.59
N ARG B 277 26.07 -12.83 -4.81
CA ARG B 277 25.67 -14.14 -4.31
C ARG B 277 25.60 -14.08 -2.77
N LYS B 278 24.54 -14.61 -2.16
CA LYS B 278 24.38 -14.58 -0.72
C LYS B 278 25.33 -15.52 -0.03
N LEU B 279 25.89 -15.10 1.12
CA LEU B 279 26.81 -15.96 1.87
C LEU B 279 26.07 -16.74 2.97
N PHE C 24 -1.42 26.79 12.30
CA PHE C 24 -0.31 27.60 12.78
C PHE C 24 -0.77 28.90 13.44
N THR C 25 -0.03 29.32 14.49
CA THR C 25 -0.20 30.52 15.30
C THR C 25 -0.10 31.79 14.48
N SER C 26 -1.17 32.60 14.54
CA SER C 26 -1.21 33.88 13.85
C SER C 26 -0.36 34.89 14.58
N LYS C 27 0.17 35.89 13.86
CA LYS C 27 0.96 36.95 14.48
C LYS C 27 0.13 37.86 15.41
N ASP C 28 -1.21 37.88 15.26
CA ASP C 28 -2.11 38.60 16.17
C ASP C 28 -2.06 37.95 17.56
N THR C 29 -1.84 36.61 17.63
CA THR C 29 -1.69 35.87 18.88
C THR C 29 -0.46 36.36 19.64
N TYR C 30 0.57 36.85 18.94
CA TYR C 30 1.77 37.37 19.58
C TYR C 30 1.55 38.73 20.24
N LEU C 31 0.63 39.52 19.67
CA LEU C 31 0.29 40.84 20.17
C LEU C 31 -0.55 40.76 21.44
N SER C 32 -1.42 39.73 21.57
CA SER C 32 -2.31 39.66 22.73
C SER C 32 -2.14 38.47 23.63
N HIS C 33 -1.40 37.43 23.24
CA HIS C 33 -1.26 36.24 24.07
C HIS C 33 0.18 35.91 24.44
N PHE C 34 1.18 36.65 23.91
CA PHE C 34 2.57 36.42 24.28
C PHE C 34 2.94 37.37 25.41
N ASN C 35 3.15 36.85 26.64
CA ASN C 35 3.53 37.70 27.78
C ASN C 35 5.02 37.75 27.94
N PRO C 36 5.63 38.92 27.72
CA PRO C 36 7.10 39.00 27.82
C PRO C 36 7.69 38.72 29.20
N ARG C 37 6.94 38.92 30.29
CA ARG C 37 7.45 38.63 31.64
C ARG C 37 7.47 37.14 31.95
N ASP C 38 6.38 36.42 31.59
CA ASP C 38 6.34 34.96 31.79
C ASP C 38 7.36 34.30 30.89
N TYR C 39 7.55 34.81 29.66
CA TYR C 39 8.52 34.26 28.73
C TYR C 39 9.91 34.39 29.30
N LEU C 40 10.26 35.59 29.80
CA LEU C 40 11.56 35.85 30.39
C LEU C 40 11.85 34.98 31.59
N GLU C 41 10.87 34.82 32.46
CA GLU C 41 11.03 34.06 33.70
C GLU C 41 11.08 32.54 33.47
N LYS C 42 10.48 32.06 32.37
CA LYS C 42 10.44 30.64 32.06
C LYS C 42 11.70 30.10 31.33
N TYR C 43 12.34 30.93 30.49
CA TYR C 43 13.47 30.47 29.69
C TYR C 43 14.82 31.09 30.03
N TYR C 44 14.83 32.31 30.56
CA TYR C 44 16.04 33.06 30.76
C TYR C 44 16.36 33.45 32.20
N LYS C 45 15.82 32.72 33.16
CA LYS C 45 16.09 32.99 34.58
C LYS C 45 17.38 32.29 35.05
N SER C 51 18.49 22.37 34.64
CA SER C 51 17.36 22.49 33.72
C SER C 51 17.86 22.71 32.30
N ALA C 52 17.17 22.11 31.33
CA ALA C 52 17.51 22.12 29.92
C ALA C 52 17.63 23.52 29.35
N GLU C 53 16.76 24.43 29.80
CA GLU C 53 16.71 25.82 29.36
C GLU C 53 18.00 26.55 29.73
N SER C 54 18.62 26.25 30.88
CA SER C 54 19.88 26.88 31.27
C SER C 54 21.03 26.36 30.41
N GLN C 55 21.01 25.07 30.07
CA GLN C 55 22.04 24.44 29.25
C GLN C 55 21.97 25.01 27.82
N ILE C 56 20.77 25.15 27.26
CA ILE C 56 20.58 25.74 25.95
C ILE C 56 21.07 27.20 25.93
N LEU C 57 20.66 28.00 26.94
CA LEU C 57 21.09 29.39 27.05
C LEU C 57 22.62 29.50 27.08
N LYS C 58 23.29 28.65 27.86
CA LYS C 58 24.75 28.63 27.94
C LYS C 58 25.42 28.29 26.59
N HIS C 59 24.88 27.29 25.83
CA HIS C 59 25.41 26.97 24.49
C HIS C 59 25.21 28.14 23.52
N LEU C 60 24.00 28.73 23.48
CA LEU C 60 23.76 29.90 22.63
C LEU C 60 24.73 31.05 22.97
N LEU C 61 24.98 31.30 24.28
CA LEU C 61 25.87 32.36 24.73
C LEU C 61 27.31 32.09 24.32
N LYS C 62 27.76 30.82 24.46
CA LYS C 62 29.12 30.43 24.07
C LYS C 62 29.28 30.56 22.57
N ASN C 63 28.27 30.13 21.79
CA ASN C 63 28.32 30.20 20.33
C ASN C 63 28.33 31.63 19.81
N LEU C 64 27.55 32.54 20.43
CA LEU C 64 27.53 33.96 20.05
C LEU C 64 28.91 34.59 20.36
N PHE C 65 29.54 34.17 21.47
CA PHE C 65 30.87 34.65 21.87
C PHE C 65 31.88 34.25 20.81
N LYS C 66 31.83 33.00 20.32
CA LYS C 66 32.74 32.57 19.26
C LYS C 66 32.51 33.40 17.99
N ILE C 67 31.26 33.41 17.46
CA ILE C 67 30.90 34.17 16.27
C ILE C 67 31.39 35.64 16.29
N PHE C 68 31.14 36.41 17.36
CA PHE C 68 31.52 37.82 17.39
C PHE C 68 32.91 38.15 17.95
N CYS C 69 33.48 37.31 18.85
CA CYS C 69 34.80 37.62 19.44
C CYS C 69 35.94 36.74 18.93
N LEU C 70 35.75 35.42 18.90
CA LEU C 70 36.78 34.50 18.43
C LEU C 70 36.90 34.57 16.90
N ASP C 71 35.76 34.62 16.22
CA ASP C 71 35.68 34.69 14.75
C ASP C 71 35.70 36.17 14.25
N GLY C 72 35.51 36.38 12.95
CA GLY C 72 35.52 37.71 12.38
C GLY C 72 34.35 38.55 12.86
N VAL C 73 33.22 38.47 12.11
CA VAL C 73 31.92 39.14 12.28
C VAL C 73 31.98 40.41 13.15
N LYS C 74 32.45 41.47 12.52
CA LYS C 74 32.62 42.83 13.02
C LYS C 74 31.99 43.77 12.00
N GLY C 75 31.64 44.97 12.45
CA GLY C 75 31.05 45.96 11.57
C GLY C 75 30.47 47.14 12.30
N ASP C 76 29.86 48.04 11.53
CA ASP C 76 29.26 49.23 12.08
C ASP C 76 27.82 48.98 12.45
N LEU C 77 27.08 48.24 11.62
CA LEU C 77 25.66 48.03 11.88
C LEU C 77 25.25 46.56 11.93
N LEU C 78 24.60 46.17 13.04
CA LEU C 78 24.03 44.85 13.25
C LEU C 78 22.54 45.05 13.48
N ILE C 79 21.69 44.34 12.73
CA ILE C 79 20.24 44.40 12.96
C ILE C 79 19.76 43.10 13.64
N ASP C 80 19.14 43.22 14.82
CA ASP C 80 18.61 42.06 15.53
C ASP C 80 17.12 41.92 15.24
N ILE C 81 16.77 40.81 14.61
CA ILE C 81 15.42 40.50 14.16
C ILE C 81 14.66 39.60 15.11
N GLY C 82 13.50 40.07 15.54
CA GLY C 82 12.64 39.34 16.46
C GLY C 82 13.28 39.15 17.82
N SER C 83 13.86 40.23 18.35
CA SER C 83 14.56 40.30 19.64
C SER C 83 13.69 39.87 20.82
N GLY C 84 12.39 40.11 20.72
CA GLY C 84 11.43 39.86 21.78
C GLY C 84 11.77 40.76 22.94
N PRO C 85 11.75 40.19 24.15
CA PRO C 85 12.13 40.98 25.34
C PRO C 85 13.56 40.67 25.84
N THR C 86 14.39 40.01 24.99
CA THR C 86 15.73 39.59 25.41
C THR C 86 16.85 40.46 24.86
N ILE C 87 17.97 40.45 25.58
CA ILE C 87 19.17 41.18 25.25
C ILE C 87 20.41 40.22 25.23
N TYR C 88 20.26 38.94 25.70
CA TYR C 88 21.31 37.93 25.80
C TYR C 88 22.08 37.74 24.50
N GLN C 89 21.36 37.82 23.39
CA GLN C 89 21.91 37.63 22.05
C GLN C 89 22.71 38.84 21.57
N LEU C 90 22.80 39.92 22.37
CA LEU C 90 23.53 41.11 22.01
C LEU C 90 24.73 41.41 22.91
N LEU C 91 24.93 40.63 23.99
CA LEU C 91 25.98 40.87 24.97
C LEU C 91 27.37 40.82 24.34
N SER C 92 27.66 39.80 23.51
CA SER C 92 28.95 39.70 22.82
C SER C 92 28.97 40.60 21.60
N ALA C 93 27.83 40.71 20.88
CA ALA C 93 27.69 41.53 19.67
C ALA C 93 28.03 42.99 19.91
N CYS C 94 27.75 43.52 21.10
CA CYS C 94 28.07 44.93 21.37
C CYS C 94 29.59 45.20 21.41
N GLU C 95 30.43 44.16 21.53
CA GLU C 95 31.88 44.29 21.48
C GLU C 95 32.40 44.40 20.05
N SER C 96 31.67 43.84 19.07
CA SER C 96 32.09 43.87 17.67
C SER C 96 31.36 44.93 16.83
N PHE C 97 30.20 45.46 17.28
CA PHE C 97 29.45 46.43 16.49
C PHE C 97 29.27 47.80 17.17
N LYS C 98 29.44 48.88 16.39
CA LYS C 98 29.26 50.23 16.91
C LYS C 98 27.79 50.60 17.06
N GLU C 99 26.94 50.13 16.15
CA GLU C 99 25.51 50.40 16.20
C GLU C 99 24.70 49.11 16.09
N ILE C 100 23.76 48.94 17.03
CA ILE C 100 22.82 47.82 17.08
C ILE C 100 21.37 48.30 17.00
N VAL C 101 20.60 47.74 16.06
CA VAL C 101 19.17 48.03 15.98
C VAL C 101 18.41 46.79 16.50
N VAL C 102 17.38 46.99 17.34
CA VAL C 102 16.57 45.87 17.83
C VAL C 102 15.15 45.96 17.27
N THR C 103 14.65 44.84 16.76
CA THR C 103 13.34 44.79 16.14
C THR C 103 12.52 43.62 16.67
N ASP C 104 11.21 43.73 16.59
CA ASP C 104 10.28 42.67 16.95
C ASP C 104 8.89 43.01 16.43
N TYR C 105 8.03 41.98 16.26
CA TYR C 105 6.66 42.22 15.81
C TYR C 105 5.81 42.77 16.98
N SER C 106 5.94 42.16 18.16
CA SER C 106 5.16 42.57 19.32
C SER C 106 5.69 43.82 20.00
N ASP C 107 4.88 44.86 19.96
CA ASP C 107 5.13 46.17 20.52
C ASP C 107 5.30 46.10 22.04
N GLN C 108 4.58 45.19 22.70
CA GLN C 108 4.70 45.02 24.14
C GLN C 108 6.05 44.31 24.53
N ASN C 109 6.63 43.48 23.64
CA ASN C 109 7.91 42.83 23.88
C ASN C 109 9.03 43.85 23.84
N LEU C 110 8.96 44.80 22.89
CA LEU C 110 9.95 45.85 22.75
C LEU C 110 9.92 46.82 23.93
N GLN C 111 8.73 47.00 24.57
CA GLN C 111 8.55 47.82 25.76
C GLN C 111 9.26 47.14 26.95
N GLU C 112 9.21 45.79 27.03
CA GLU C 112 9.90 45.04 28.09
C GLU C 112 11.43 45.14 27.90
N LEU C 113 11.88 45.14 26.64
CA LEU C 113 13.29 45.31 26.28
C LEU C 113 13.71 46.73 26.71
N GLU C 114 12.89 47.74 26.39
CA GLU C 114 13.10 49.13 26.73
C GLU C 114 13.26 49.36 28.26
N LYS C 115 12.56 48.58 29.11
CA LYS C 115 12.75 48.69 30.56
C LYS C 115 14.21 48.35 30.94
N TRP C 116 14.85 47.41 30.21
CA TRP C 116 16.23 47.03 30.47
C TRP C 116 17.21 48.02 29.86
N LEU C 117 16.89 48.58 28.69
CA LEU C 117 17.72 49.57 28.02
C LEU C 117 17.77 50.86 28.83
N LYS C 118 16.63 51.24 29.43
CA LYS C 118 16.47 52.43 30.26
C LYS C 118 16.79 52.18 31.75
N ALA C 119 17.29 50.97 32.11
CA ALA C 119 17.65 50.54 33.46
C ALA C 119 16.56 50.84 34.51
N ALA C 120 15.29 50.74 34.07
CA ALA C 120 14.12 50.96 34.92
C ALA C 120 14.10 49.95 36.06
N PRO C 121 13.42 50.26 37.17
CA PRO C 121 13.38 49.32 38.29
C PRO C 121 12.76 47.97 37.91
N ALA C 122 11.65 48.02 37.15
CA ALA C 122 10.89 46.85 36.72
C ALA C 122 11.60 45.97 35.67
N ALA C 123 12.77 46.39 35.17
CA ALA C 123 13.54 45.63 34.18
C ALA C 123 13.82 44.20 34.64
N PHE C 124 14.04 43.29 33.68
CA PHE C 124 14.35 41.91 34.00
C PHE C 124 15.76 41.80 34.55
N ASP C 125 15.96 40.88 35.50
CA ASP C 125 17.26 40.63 36.08
C ASP C 125 18.12 39.75 35.15
N TRP C 126 18.91 40.39 34.28
CA TRP C 126 19.84 39.76 33.36
C TRP C 126 21.26 39.57 33.99
N SER C 127 21.47 39.95 35.26
CA SER C 127 22.75 39.82 35.96
C SER C 127 23.47 38.45 35.88
N PRO C 128 22.85 37.27 36.19
CA PRO C 128 23.61 36.01 36.10
C PRO C 128 23.97 35.63 34.65
N VAL C 129 23.30 36.23 33.64
CA VAL C 129 23.60 36.00 32.24
C VAL C 129 24.75 36.93 31.85
N VAL C 130 24.66 38.23 32.22
CA VAL C 130 25.71 39.21 31.93
C VAL C 130 27.07 38.73 32.49
N THR C 131 27.03 38.19 33.71
CA THR C 131 28.22 37.67 34.41
C THR C 131 28.84 36.50 33.63
N TYR C 132 28.02 35.58 33.13
CA TYR C 132 28.49 34.42 32.37
C TYR C 132 29.23 34.85 31.09
N VAL C 133 28.69 35.85 30.39
CA VAL C 133 29.27 36.39 29.16
C VAL C 133 30.58 37.12 29.50
N CYS C 134 30.60 37.88 30.59
CA CYS C 134 31.79 38.56 31.07
C CYS C 134 32.89 37.52 31.41
N ASP C 135 32.50 36.36 31.98
CA ASP C 135 33.44 35.27 32.31
C ASP C 135 34.04 34.65 31.04
N LEU C 136 33.20 34.37 30.02
CA LEU C 136 33.64 33.80 28.73
C LEU C 136 34.69 34.70 28.09
N GLU C 137 34.52 36.04 28.22
CA GLU C 137 35.42 37.01 27.64
C GLU C 137 36.68 37.31 28.48
N GLY C 138 37.00 36.42 29.42
CA GLY C 138 38.17 36.53 30.28
C GLY C 138 38.08 37.63 31.30
N ASN C 139 36.86 37.93 31.75
CA ASN C 139 36.50 38.98 32.72
C ASN C 139 37.38 40.24 32.64
N ARG C 140 37.57 40.76 31.40
CA ARG C 140 38.33 41.99 31.13
C ARG C 140 37.55 43.19 31.69
N VAL C 141 36.21 43.16 31.54
CA VAL C 141 35.30 44.16 32.09
C VAL C 141 34.30 43.47 33.04
N LYS C 142 33.89 44.17 34.11
CA LYS C 142 32.92 43.62 35.04
C LYS C 142 31.48 43.84 34.48
N GLY C 143 30.49 43.23 35.13
CA GLY C 143 29.08 43.33 34.75
C GLY C 143 28.58 44.72 34.39
N PRO C 144 28.65 45.70 35.33
CA PRO C 144 28.14 47.05 35.03
C PRO C 144 28.75 47.74 33.81
N GLU C 145 29.99 47.40 33.46
CA GLU C 145 30.67 47.95 32.30
C GLU C 145 30.12 47.34 31.00
N LYS C 146 29.80 46.03 31.03
CA LYS C 146 29.26 45.27 29.91
C LYS C 146 27.91 45.85 29.49
N GLU C 147 27.04 46.07 30.49
CA GLU C 147 25.71 46.63 30.36
C GLU C 147 25.78 48.06 29.80
N GLU C 148 26.82 48.81 30.13
CA GLU C 148 26.96 50.17 29.63
C GLU C 148 27.31 50.21 28.16
N LYS C 149 28.12 49.25 27.71
CA LYS C 149 28.47 49.17 26.29
C LYS C 149 27.28 48.71 25.45
N LEU C 150 26.38 47.88 26.01
CA LEU C 150 25.21 47.41 25.27
C LEU C 150 24.19 48.54 25.11
N ARG C 151 23.86 49.24 26.20
CA ARG C 151 22.90 50.32 26.15
C ARG C 151 23.32 51.44 25.19
N GLN C 152 24.63 51.69 25.09
CA GLN C 152 25.14 52.71 24.18
C GLN C 152 25.15 52.26 22.74
N ALA C 153 25.34 50.95 22.46
CA ALA C 153 25.34 50.45 21.10
C ALA C 153 23.91 50.42 20.48
N VAL C 154 22.88 50.09 21.28
CA VAL C 154 21.50 50.09 20.77
C VAL C 154 21.03 51.51 20.38
N LYS C 155 20.83 51.76 19.07
CA LYS C 155 20.45 53.07 18.57
C LYS C 155 18.97 53.18 18.23
N GLN C 156 18.29 52.06 17.93
CA GLN C 156 16.88 52.09 17.57
C GLN C 156 16.13 50.85 18.03
N VAL C 157 14.80 50.99 18.26
CA VAL C 157 13.86 49.94 18.65
C VAL C 157 12.71 50.03 17.65
N LEU C 158 12.74 49.18 16.61
CA LEU C 158 11.76 49.27 15.54
C LEU C 158 10.79 48.09 15.44
N LYS C 159 9.62 48.33 14.87
CA LYS C 159 8.62 47.28 14.63
C LYS C 159 9.12 46.50 13.41
N CYS C 160 8.80 45.21 13.36
CA CYS C 160 9.36 44.34 12.33
C CYS C 160 8.37 43.21 12.00
N ASP C 161 8.38 42.73 10.75
CA ASP C 161 7.55 41.61 10.33
C ASP C 161 8.38 40.96 9.25
N VAL C 162 8.94 39.80 9.54
CA VAL C 162 9.86 39.06 8.67
C VAL C 162 9.21 38.54 7.36
N THR C 163 7.88 38.38 7.37
CA THR C 163 7.16 37.96 6.17
C THR C 163 6.91 39.14 5.19
N GLN C 164 7.27 40.37 5.57
CA GLN C 164 7.05 41.50 4.69
C GLN C 164 8.30 41.80 3.88
N SER C 165 8.12 42.09 2.58
CA SER C 165 9.20 42.37 1.62
C SER C 165 10.17 43.43 2.16
N GLN C 166 9.62 44.42 2.90
CA GLN C 166 10.38 45.45 3.59
C GLN C 166 10.10 45.12 5.06
N PRO C 167 11.00 44.35 5.70
CA PRO C 167 10.70 43.87 7.05
C PRO C 167 10.50 44.93 8.11
N LEU C 168 11.16 46.10 7.97
CA LEU C 168 11.03 47.15 8.96
C LEU C 168 10.11 48.30 8.58
N GLY C 169 9.23 48.09 7.60
CA GLY C 169 8.27 49.09 7.16
C GLY C 169 8.91 50.28 6.48
N ALA C 170 9.98 49.99 5.71
CA ALA C 170 10.81 50.93 4.96
C ALA C 170 11.32 52.11 5.80
N VAL C 171 11.72 51.82 7.05
CA VAL C 171 12.33 52.82 7.94
C VAL C 171 13.73 53.04 7.37
N PRO C 172 14.06 54.30 7.04
CA PRO C 172 15.36 54.58 6.40
C PRO C 172 16.59 54.26 7.26
N LEU C 173 17.17 53.09 6.99
CA LEU C 173 18.36 52.60 7.67
C LEU C 173 19.41 52.24 6.63
N PRO C 174 20.68 52.59 6.89
CA PRO C 174 21.73 52.19 5.94
C PRO C 174 21.89 50.67 5.88
N PRO C 175 22.52 50.14 4.81
CA PRO C 175 22.65 48.67 4.72
C PRO C 175 23.48 48.13 5.88
N ALA C 176 22.98 47.08 6.53
CA ALA C 176 23.66 46.50 7.69
C ALA C 176 24.77 45.51 7.29
N ASP C 177 25.75 45.34 8.16
CA ASP C 177 26.86 44.40 8.01
C ASP C 177 26.46 42.99 8.50
N CYS C 178 25.51 42.92 9.43
CA CYS C 178 25.09 41.66 10.00
C CYS C 178 23.61 41.70 10.34
N VAL C 179 22.93 40.59 10.07
CA VAL C 179 21.55 40.44 10.46
C VAL C 179 21.55 39.25 11.40
N LEU C 180 21.09 39.45 12.63
CA LEU C 180 21.07 38.40 13.65
C LEU C 180 19.63 38.06 13.99
N SER C 181 19.27 36.78 14.04
CA SER C 181 17.90 36.39 14.46
C SER C 181 17.94 35.09 15.25
N THR C 182 17.74 35.18 16.55
CA THR C 182 17.74 34.05 17.46
C THR C 182 16.33 33.63 17.79
N LEU C 183 16.00 32.36 17.55
CA LEU C 183 14.73 31.73 17.85
C LEU C 183 13.49 32.47 17.35
N CYS C 184 13.57 33.17 16.22
CA CYS C 184 12.44 33.90 15.68
C CYS C 184 11.80 33.24 14.47
N LEU C 185 12.62 32.97 13.43
CA LEU C 185 12.18 32.45 12.14
C LEU C 185 11.34 31.17 12.20
N ASP C 186 11.67 30.21 13.09
CA ASP C 186 10.87 28.98 13.22
C ASP C 186 9.44 29.24 13.72
N ALA C 187 9.24 30.32 14.50
CA ALA C 187 7.96 30.71 15.10
C ALA C 187 7.11 31.60 14.16
N ALA C 188 7.77 32.36 13.28
CA ALA C 188 7.09 33.28 12.39
C ALA C 188 6.66 32.68 11.04
N CYS C 189 7.34 31.62 10.61
CA CYS C 189 7.10 31.00 9.31
C CYS C 189 6.32 29.70 9.44
N PRO C 190 5.08 29.66 8.89
CA PRO C 190 4.25 28.45 9.00
C PRO C 190 4.62 27.32 8.05
N ASP C 191 5.46 27.61 7.04
CA ASP C 191 5.92 26.61 6.08
C ASP C 191 7.34 26.92 5.55
N LEU C 192 8.00 25.97 4.86
CA LEU C 192 9.34 26.20 4.31
C LEU C 192 9.40 27.36 3.26
N PRO C 193 8.45 27.50 2.29
CA PRO C 193 8.49 28.67 1.38
C PRO C 193 8.48 30.01 2.12
N THR C 194 7.64 30.17 3.18
CA THR C 194 7.62 31.42 3.96
C THR C 194 8.98 31.63 4.63
N TYR C 195 9.62 30.54 5.10
CA TYR C 195 10.93 30.55 5.75
C TYR C 195 11.99 31.10 4.80
N CYS C 196 11.93 30.66 3.54
CA CYS C 196 12.84 31.07 2.48
C CYS C 196 12.56 32.52 2.07
N ARG C 197 11.27 32.92 2.01
CA ARG C 197 10.91 34.29 1.67
C ARG C 197 11.36 35.22 2.81
N ALA C 198 11.21 34.82 4.07
CA ALA C 198 11.66 35.62 5.21
C ALA C 198 13.18 35.84 5.16
N LEU C 199 13.96 34.84 4.72
CA LEU C 199 15.42 35.03 4.58
C LEU C 199 15.75 36.04 3.46
N ARG C 200 14.92 36.06 2.39
CA ARG C 200 15.04 37.02 1.29
C ARG C 200 14.70 38.42 1.80
N ASN C 201 13.63 38.54 2.57
CA ASN C 201 13.23 39.80 3.17
C ASN C 201 14.31 40.35 4.10
N LEU C 202 15.01 39.47 4.85
CA LEU C 202 16.10 39.90 5.73
C LEU C 202 17.35 40.34 4.95
N GLY C 203 17.59 39.69 3.82
CA GLY C 203 18.70 40.02 2.93
C GLY C 203 18.62 41.42 2.38
N SER C 204 17.42 41.96 2.26
CA SER C 204 17.22 43.32 1.79
C SER C 204 17.78 44.37 2.78
N LEU C 205 17.96 43.98 4.04
CA LEU C 205 18.54 44.83 5.07
C LEU C 205 20.08 44.70 5.11
N LEU C 206 20.67 43.73 4.38
CA LEU C 206 22.10 43.44 4.35
C LEU C 206 22.85 44.01 3.17
N LYS C 207 24.08 44.47 3.43
CA LYS C 207 25.03 44.88 2.41
C LYS C 207 25.40 43.60 1.63
N PRO C 208 25.74 43.68 0.32
CA PRO C 208 26.19 42.46 -0.38
C PRO C 208 27.48 42.00 0.29
N GLY C 209 27.54 40.72 0.65
CA GLY C 209 28.69 40.20 1.40
C GLY C 209 28.53 40.34 2.90
N GLY C 210 27.37 40.79 3.38
CA GLY C 210 27.09 40.93 4.80
C GLY C 210 26.78 39.60 5.44
N PHE C 211 26.94 39.50 6.76
CA PHE C 211 26.72 38.27 7.51
C PHE C 211 25.27 38.05 7.93
N LEU C 212 24.80 36.80 7.92
CA LEU C 212 23.49 36.44 8.45
C LEU C 212 23.76 35.38 9.57
N VAL C 213 23.24 35.59 10.80
CA VAL C 213 23.45 34.65 11.90
C VAL C 213 22.12 34.17 12.47
N ILE C 214 21.81 32.89 12.30
CA ILE C 214 20.57 32.34 12.80
C ILE C 214 20.84 31.25 13.81
N MET C 215 20.14 31.28 14.93
CA MET C 215 20.17 30.23 15.94
C MET C 215 18.69 29.90 16.14
N ASP C 216 18.32 28.63 16.02
CA ASP C 216 16.91 28.25 16.14
C ASP C 216 16.76 26.76 16.47
N ALA C 217 15.57 26.35 16.84
CA ALA C 217 15.31 24.97 17.18
C ALA C 217 15.21 24.08 15.94
N LEU C 218 15.52 22.79 16.13
CA LEU C 218 15.34 21.82 15.08
C LEU C 218 14.21 20.87 15.52
N LYS C 219 13.39 20.43 14.56
CA LYS C 219 12.32 19.45 14.71
C LYS C 219 11.31 19.77 15.81
N SER C 220 11.04 21.06 16.04
CA SER C 220 10.04 21.45 17.01
C SER C 220 8.76 21.89 16.32
N SER C 221 7.61 21.29 16.69
CA SER C 221 6.31 21.68 16.17
C SER C 221 5.59 22.68 17.10
N TYR C 222 6.11 22.92 18.32
CA TYR C 222 5.52 23.87 19.28
C TYR C 222 6.54 24.26 20.39
N TYR C 223 6.23 25.35 21.13
CA TYR C 223 6.92 25.81 22.33
C TYR C 223 5.88 26.45 23.33
N MET C 224 6.15 26.44 24.65
CA MET C 224 5.17 26.87 25.64
C MET C 224 5.59 28.07 26.42
N ILE C 225 4.64 28.92 26.79
CA ILE C 225 4.85 30.01 27.76
C ILE C 225 3.73 29.82 28.77
N GLY C 226 4.02 29.05 29.82
CA GLY C 226 3.04 28.68 30.82
C GLY C 226 2.15 27.65 30.18
N GLU C 227 0.83 27.93 30.17
CA GLU C 227 -0.12 27.06 29.50
C GLU C 227 -0.34 27.43 28.02
N GLN C 228 0.16 28.62 27.59
CA GLN C 228 0.02 29.16 26.25
C GLN C 228 0.95 28.47 25.24
N LYS C 229 0.36 27.68 24.33
CA LYS C 229 1.08 26.95 23.31
C LYS C 229 1.24 27.78 22.04
N PHE C 230 2.48 27.95 21.61
CA PHE C 230 2.83 28.69 20.41
C PHE C 230 3.39 27.71 19.38
N SER C 231 3.04 27.92 18.11
CA SER C 231 3.51 27.05 17.03
C SER C 231 4.96 27.30 16.66
N SER C 232 5.56 26.28 16.06
CA SER C 232 6.92 26.29 15.56
C SER C 232 6.98 25.49 14.26
N LEU C 233 7.94 25.82 13.41
CA LEU C 233 8.14 25.11 12.15
C LEU C 233 9.12 23.98 12.42
N PRO C 234 8.68 22.72 12.21
CA PRO C 234 9.54 21.57 12.55
C PRO C 234 10.60 21.20 11.51
N LEU C 235 11.50 22.15 11.24
CA LEU C 235 12.61 21.99 10.31
C LEU C 235 13.74 21.09 10.78
N GLY C 236 14.35 20.42 9.82
CA GLY C 236 15.57 19.67 10.02
C GLY C 236 16.73 20.44 9.41
N ARG C 237 17.96 19.98 9.63
CA ARG C 237 19.17 20.62 9.09
C ARG C 237 19.13 20.90 7.57
N GLU C 238 18.69 19.94 6.77
CA GLU C 238 18.67 20.08 5.32
C GLU C 238 17.67 21.13 4.81
N ALA C 239 16.48 21.22 5.43
CA ALA C 239 15.49 22.22 5.03
C ALA C 239 16.05 23.63 5.33
N VAL C 240 16.71 23.84 6.50
CA VAL C 240 17.33 25.11 6.87
C VAL C 240 18.34 25.51 5.81
N GLU C 241 19.28 24.61 5.46
CA GLU C 241 20.31 24.84 4.45
C GLU C 241 19.78 25.13 3.06
N ALA C 242 18.77 24.35 2.59
CA ALA C 242 18.12 24.57 1.30
C ALA C 242 17.46 25.96 1.27
N ALA C 243 16.77 26.33 2.37
CA ALA C 243 16.10 27.64 2.49
C ALA C 243 17.11 28.79 2.48
N VAL C 244 18.27 28.62 3.12
CA VAL C 244 19.31 29.66 3.16
C VAL C 244 19.95 29.87 1.76
N LYS C 245 20.36 28.79 1.10
CA LYS C 245 20.95 28.89 -0.25
C LYS C 245 19.93 29.35 -1.28
N GLU C 246 18.68 28.89 -1.16
CA GLU C 246 17.61 29.33 -2.05
C GLU C 246 17.39 30.85 -1.97
N ALA C 247 17.60 31.45 -0.79
CA ALA C 247 17.39 32.87 -0.59
C ALA C 247 18.54 33.77 -1.02
N GLY C 248 19.67 33.18 -1.40
CA GLY C 248 20.81 33.96 -1.85
C GLY C 248 21.92 34.13 -0.84
N TYR C 249 22.28 33.06 -0.14
CA TYR C 249 23.38 33.10 0.81
C TYR C 249 24.32 31.89 0.63
N THR C 250 25.58 32.05 1.07
CA THR C 250 26.56 30.96 1.08
C THR C 250 26.82 30.66 2.57
N ILE C 251 26.72 29.40 2.99
CA ILE C 251 26.93 29.07 4.39
C ILE C 251 28.42 28.91 4.71
N GLU C 252 28.96 29.78 5.57
CA GLU C 252 30.37 29.68 5.96
C GLU C 252 30.56 28.72 7.11
N TRP C 253 29.60 28.68 8.05
CA TRP C 253 29.64 27.86 9.25
C TRP C 253 28.22 27.37 9.65
N PHE C 254 28.03 26.05 9.88
CA PHE C 254 26.76 25.50 10.31
C PHE C 254 27.00 24.51 11.45
N GLU C 255 26.38 24.75 12.61
CA GLU C 255 26.52 23.87 13.77
C GLU C 255 25.17 23.32 14.22
N VAL C 256 25.17 22.16 14.88
CA VAL C 256 23.97 21.51 15.40
C VAL C 256 24.30 20.94 16.77
N ILE C 257 23.46 21.17 17.79
CA ILE C 257 23.64 20.53 19.09
C ILE C 257 22.43 19.63 19.37
N SER C 258 22.62 18.49 20.04
CA SER C 258 21.52 17.55 20.30
C SER C 258 20.66 17.92 21.52
N GLN C 259 21.15 18.84 22.39
CA GLN C 259 20.47 19.32 23.61
C GLN C 259 19.15 20.01 23.33
N SER C 260 18.05 19.42 23.81
CA SER C 260 16.69 19.91 23.62
C SER C 260 16.13 20.63 24.85
N TYR C 261 14.99 21.33 24.69
CA TYR C 261 14.30 21.99 25.78
C TYR C 261 13.54 20.91 26.60
N SER C 262 13.12 21.23 27.84
CA SER C 262 12.37 20.28 28.67
C SER C 262 11.07 19.88 28.01
N SER C 263 10.60 18.65 28.27
CA SER C 263 9.37 18.08 27.71
C SER C 263 8.16 18.95 27.96
N THR C 264 8.10 19.56 29.15
CA THR C 264 7.01 20.44 29.54
C THR C 264 7.05 21.81 28.87
N MET C 265 7.93 22.01 27.86
CA MET C 265 8.09 23.33 27.21
C MET C 265 8.28 23.27 25.71
N ALA C 266 8.83 22.18 25.14
CA ALA C 266 8.99 22.08 23.69
C ALA C 266 9.34 20.68 23.22
N ASN C 267 8.88 20.33 22.03
CA ASN C 267 9.17 19.02 21.46
C ASN C 267 10.32 19.08 20.44
N ASN C 268 11.29 19.98 20.65
CA ASN C 268 12.41 20.08 19.71
C ASN C 268 13.39 18.89 19.87
N GLU C 269 14.20 18.63 18.83
CA GLU C 269 15.20 17.58 18.88
C GLU C 269 16.57 18.21 18.62
N GLY C 270 16.90 19.28 19.35
CA GLY C 270 18.16 19.99 19.21
C GLY C 270 17.99 21.42 18.72
N LEU C 271 19.12 22.11 18.46
CA LEU C 271 19.14 23.46 17.95
C LEU C 271 20.27 23.62 16.93
N PHE C 272 20.11 24.55 15.98
CA PHE C 272 21.15 24.85 15.00
C PHE C 272 21.66 26.30 15.18
N SER C 273 22.85 26.57 14.64
CA SER C 273 23.52 27.86 14.60
C SER C 273 24.14 27.94 13.23
N LEU C 274 24.11 29.12 12.61
CA LEU C 274 24.71 29.28 11.29
C LEU C 274 25.16 30.68 11.03
N VAL C 275 26.21 30.79 10.22
CA VAL C 275 26.76 32.05 9.75
C VAL C 275 26.81 31.89 8.25
N ALA C 276 26.07 32.74 7.59
CA ALA C 276 25.95 32.75 6.14
C ALA C 276 26.36 34.13 5.63
N ARG C 277 26.70 34.21 4.35
CA ARG C 277 27.09 35.46 3.73
C ARG C 277 26.14 35.73 2.61
N LYS C 278 25.65 36.96 2.52
CA LYS C 278 24.76 37.35 1.43
C LYS C 278 25.53 37.40 0.13
N LEU C 279 25.10 36.63 -0.89
CA LEU C 279 25.78 36.69 -2.18
C LEU C 279 25.38 37.97 -2.89
N GLY D 23 4.40 -27.69 -10.90
CA GLY D 23 3.33 -26.73 -10.64
C GLY D 23 2.03 -27.08 -11.33
N PHE D 24 1.75 -26.39 -12.44
CA PHE D 24 0.52 -26.60 -13.24
C PHE D 24 0.92 -27.21 -14.59
N THR D 25 0.09 -28.13 -15.11
CA THR D 25 0.33 -28.79 -16.39
C THR D 25 0.54 -27.84 -17.55
N SER D 26 1.75 -27.89 -18.14
CA SER D 26 2.10 -27.05 -19.28
C SER D 26 1.36 -27.50 -20.52
N LYS D 27 1.15 -26.59 -21.47
CA LYS D 27 0.46 -26.95 -22.72
C LYS D 27 1.32 -27.89 -23.59
N ASP D 28 2.65 -27.92 -23.37
CA ASP D 28 3.59 -28.82 -24.04
C ASP D 28 3.33 -30.27 -23.60
N THR D 29 2.87 -30.47 -22.34
CA THR D 29 2.52 -31.77 -21.77
C THR D 29 1.26 -32.33 -22.46
N TYR D 30 0.34 -31.46 -22.89
CA TYR D 30 -0.84 -31.88 -23.63
C TYR D 30 -0.49 -32.43 -25.03
N LEU D 31 0.67 -32.01 -25.58
CA LEU D 31 1.16 -32.45 -26.87
C LEU D 31 1.82 -33.81 -26.78
N SER D 32 2.51 -34.11 -25.67
CA SER D 32 3.25 -35.36 -25.54
C SER D 32 2.74 -36.33 -24.48
N HIS D 33 1.67 -36.00 -23.75
CA HIS D 33 1.19 -36.89 -22.68
C HIS D 33 -0.33 -37.07 -22.67
N PHE D 34 -1.07 -36.37 -23.56
CA PHE D 34 -2.52 -36.53 -23.60
C PHE D 34 -2.83 -37.49 -24.73
N ASN D 35 -3.44 -38.64 -24.43
CA ASN D 35 -3.77 -39.62 -25.46
C ASN D 35 -5.23 -39.50 -25.83
N PRO D 36 -5.54 -39.00 -27.04
CA PRO D 36 -6.95 -38.79 -27.40
C PRO D 36 -7.87 -39.99 -27.29
N ARG D 37 -7.45 -41.21 -27.69
CA ARG D 37 -8.32 -42.40 -27.56
C ARG D 37 -8.43 -42.86 -26.10
N ASP D 38 -7.34 -42.78 -25.34
CA ASP D 38 -7.34 -43.12 -23.92
C ASP D 38 -8.33 -42.20 -23.17
N TYR D 39 -8.35 -40.90 -23.54
CA TYR D 39 -9.27 -39.91 -22.98
C TYR D 39 -10.73 -40.29 -23.29
N LEU D 40 -11.05 -40.54 -24.58
CA LEU D 40 -12.38 -40.91 -25.04
C LEU D 40 -12.95 -42.14 -24.31
N GLU D 41 -12.17 -43.23 -24.23
CA GLU D 41 -12.64 -44.45 -23.56
C GLU D 41 -12.92 -44.24 -22.08
N LYS D 42 -12.10 -43.43 -21.39
CA LYS D 42 -12.28 -43.23 -19.95
C LYS D 42 -13.47 -42.32 -19.58
N TYR D 43 -13.84 -41.35 -20.43
CA TYR D 43 -14.92 -40.40 -20.09
C TYR D 43 -16.14 -40.41 -20.98
N TYR D 44 -16.11 -41.06 -22.15
CA TYR D 44 -17.20 -41.00 -23.12
C TYR D 44 -17.71 -42.33 -23.63
N LYS D 45 -17.56 -43.40 -22.84
CA LYS D 45 -18.00 -44.73 -23.26
C LYS D 45 -19.52 -44.97 -23.23
N PHE D 46 -20.36 -44.04 -22.67
CA PHE D 46 -21.80 -44.31 -22.63
C PHE D 46 -22.75 -43.10 -22.82
N GLY D 47 -23.56 -43.18 -23.86
CA GLY D 47 -24.56 -42.17 -24.21
C GLY D 47 -25.59 -41.94 -23.13
N SER D 51 -22.45 -44.95 -14.33
CA SER D 51 -21.19 -44.34 -13.88
C SER D 51 -21.36 -42.84 -13.70
N ALA D 52 -20.50 -42.21 -12.89
CA ALA D 52 -20.56 -40.76 -12.71
C ALA D 52 -20.30 -40.02 -14.05
N GLU D 53 -19.43 -40.62 -14.89
CA GLU D 53 -19.06 -40.12 -16.21
C GLU D 53 -20.23 -40.16 -17.20
N SER D 54 -21.14 -41.13 -17.06
CA SER D 54 -22.30 -41.21 -17.95
C SER D 54 -23.36 -40.21 -17.52
N GLN D 55 -23.54 -40.04 -16.18
CA GLN D 55 -24.51 -39.08 -15.63
C GLN D 55 -24.10 -37.66 -16.03
N ILE D 56 -22.78 -37.36 -15.89
CA ILE D 56 -22.21 -36.09 -16.32
C ILE D 56 -22.44 -35.86 -17.80
N LEU D 57 -22.11 -36.84 -18.67
CA LEU D 57 -22.33 -36.70 -20.12
C LEU D 57 -23.79 -36.43 -20.45
N LYS D 58 -24.73 -37.12 -19.78
CA LYS D 58 -26.16 -36.93 -19.96
C LYS D 58 -26.60 -35.51 -19.57
N HIS D 59 -26.10 -34.96 -18.44
CA HIS D 59 -26.48 -33.58 -18.07
C HIS D 59 -25.93 -32.56 -19.04
N LEU D 60 -24.66 -32.67 -19.44
CA LEU D 60 -24.08 -31.79 -20.45
C LEU D 60 -24.89 -31.81 -21.76
N LEU D 61 -25.32 -33.02 -22.21
CA LEU D 61 -26.08 -33.16 -23.45
C LEU D 61 -27.45 -32.48 -23.37
N LYS D 62 -28.10 -32.58 -22.18
CA LYS D 62 -29.40 -31.96 -21.93
C LYS D 62 -29.31 -30.44 -21.88
N ASN D 63 -28.21 -29.92 -21.32
CA ASN D 63 -27.99 -28.48 -21.24
C ASN D 63 -27.66 -27.92 -22.61
N LEU D 64 -26.91 -28.66 -23.44
CA LEU D 64 -26.60 -28.22 -24.79
C LEU D 64 -27.88 -28.23 -25.65
N PHE D 65 -28.71 -29.29 -25.53
CA PHE D 65 -29.99 -29.38 -26.23
C PHE D 65 -30.89 -28.19 -25.83
N LYS D 66 -30.95 -27.87 -24.53
CA LYS D 66 -31.75 -26.76 -24.01
C LYS D 66 -31.28 -25.45 -24.58
N ILE D 67 -29.96 -25.17 -24.50
CA ILE D 67 -29.35 -23.94 -25.02
C ILE D 67 -29.54 -23.75 -26.52
N PHE D 68 -29.29 -24.79 -27.32
CA PHE D 68 -29.34 -24.65 -28.78
C PHE D 68 -30.70 -24.95 -29.44
N CYS D 69 -31.58 -25.77 -28.84
CA CYS D 69 -32.85 -26.12 -29.49
C CYS D 69 -34.08 -25.54 -28.80
N LEU D 70 -34.10 -25.59 -27.47
CA LEU D 70 -35.22 -25.08 -26.71
C LEU D 70 -35.14 -23.55 -26.63
N ASP D 71 -33.92 -23.00 -26.53
CA ASP D 71 -33.68 -21.55 -26.44
C ASP D 71 -33.34 -20.92 -27.83
N GLY D 72 -32.99 -19.63 -27.85
CA GLY D 72 -32.68 -18.94 -29.08
C GLY D 72 -31.21 -18.66 -29.33
N VAL D 73 -30.36 -19.70 -29.18
CA VAL D 73 -28.93 -19.54 -29.45
C VAL D 73 -28.69 -20.13 -30.86
N LYS D 74 -28.86 -19.27 -31.87
CA LYS D 74 -28.75 -19.59 -33.29
C LYS D 74 -27.87 -18.55 -34.00
N GLY D 75 -27.31 -18.96 -35.14
CA GLY D 75 -26.49 -18.09 -35.96
C GLY D 75 -25.91 -18.78 -37.18
N ASP D 76 -24.98 -18.12 -37.88
CA ASP D 76 -24.32 -18.70 -39.04
C ASP D 76 -22.98 -19.33 -38.65
N LEU D 77 -22.26 -18.72 -37.72
CA LEU D 77 -20.96 -19.22 -37.31
C LEU D 77 -20.83 -19.51 -35.82
N LEU D 78 -20.41 -20.75 -35.49
CA LEU D 78 -20.12 -21.20 -34.12
C LEU D 78 -18.69 -21.71 -34.11
N ILE D 79 -17.89 -21.25 -33.14
CA ILE D 79 -16.53 -21.77 -32.96
C ILE D 79 -16.43 -22.55 -31.64
N ASP D 80 -16.02 -23.82 -31.68
CA ASP D 80 -15.83 -24.59 -30.45
C ASP D 80 -14.37 -24.50 -30.03
N ILE D 81 -14.15 -24.13 -28.79
CA ILE D 81 -12.81 -23.93 -28.28
C ILE D 81 -12.33 -25.05 -27.39
N GLY D 82 -11.23 -25.66 -27.79
CA GLY D 82 -10.61 -26.75 -27.06
C GLY D 82 -11.44 -28.00 -27.15
N SER D 83 -11.88 -28.31 -28.40
CA SER D 83 -12.72 -29.42 -28.83
C SER D 83 -12.18 -30.76 -28.37
N GLY D 84 -10.86 -30.90 -28.39
CA GLY D 84 -10.16 -32.13 -28.06
C GLY D 84 -10.49 -33.15 -29.12
N PRO D 85 -10.72 -34.39 -28.71
CA PRO D 85 -11.12 -35.41 -29.69
C PRO D 85 -12.63 -35.66 -29.71
N THR D 86 -13.43 -34.79 -29.08
CA THR D 86 -14.87 -35.01 -28.93
C THR D 86 -15.72 -34.20 -29.88
N ILE D 87 -16.92 -34.72 -30.14
CA ILE D 87 -17.94 -34.11 -30.97
C ILE D 87 -19.31 -34.09 -30.24
N TYR D 88 -19.42 -34.61 -29.00
CA TYR D 88 -20.69 -34.63 -28.27
C TYR D 88 -21.29 -33.24 -28.10
N GLN D 89 -20.42 -32.22 -27.95
CA GLN D 89 -20.80 -30.82 -27.72
C GLN D 89 -21.28 -30.09 -28.95
N LEU D 90 -21.31 -30.74 -30.12
CA LEU D 90 -21.72 -30.15 -31.39
C LEU D 90 -23.02 -30.76 -31.97
N LEU D 91 -23.48 -31.90 -31.39
CA LEU D 91 -24.65 -32.64 -31.80
C LEU D 91 -25.91 -31.79 -31.90
N SER D 92 -26.26 -31.03 -30.85
CA SER D 92 -27.42 -30.13 -30.92
C SER D 92 -27.06 -28.83 -31.64
N ALA D 93 -25.87 -28.26 -31.36
CA ALA D 93 -25.43 -27.02 -31.97
C ALA D 93 -25.49 -27.02 -33.49
N CYS D 94 -25.21 -28.17 -34.15
CA CYS D 94 -25.24 -28.30 -35.62
C CYS D 94 -26.64 -28.04 -36.23
N GLU D 95 -27.69 -28.18 -35.42
CA GLU D 95 -29.06 -27.89 -35.83
C GLU D 95 -29.33 -26.40 -35.89
N SER D 96 -28.72 -25.65 -34.95
CA SER D 96 -28.86 -24.20 -34.79
C SER D 96 -27.84 -23.38 -35.56
N PHE D 97 -26.68 -23.97 -35.87
CA PHE D 97 -25.60 -23.25 -36.54
C PHE D 97 -25.30 -23.79 -37.90
N LYS D 98 -25.25 -22.92 -38.90
CA LYS D 98 -24.99 -23.32 -40.27
C LYS D 98 -23.55 -23.80 -40.49
N GLU D 99 -22.57 -23.20 -39.80
CA GLU D 99 -21.17 -23.61 -39.93
C GLU D 99 -20.46 -23.70 -38.57
N ILE D 100 -19.63 -24.72 -38.38
CA ILE D 100 -18.91 -24.97 -37.14
C ILE D 100 -17.40 -25.11 -37.36
N VAL D 101 -16.61 -24.41 -36.54
CA VAL D 101 -15.16 -24.48 -36.61
C VAL D 101 -14.71 -25.16 -35.32
N VAL D 102 -13.94 -26.25 -35.41
CA VAL D 102 -13.48 -26.94 -34.22
C VAL D 102 -12.02 -26.67 -34.02
N THR D 103 -11.62 -26.32 -32.79
CA THR D 103 -10.23 -25.96 -32.52
C THR D 103 -9.67 -26.69 -31.29
N ASP D 104 -8.34 -26.86 -31.22
CA ASP D 104 -7.67 -27.43 -30.06
C ASP D 104 -6.18 -27.11 -30.09
N TYR D 105 -5.52 -27.10 -28.92
CA TYR D 105 -4.09 -26.91 -28.86
C TYR D 105 -3.38 -28.17 -29.37
N SER D 106 -3.90 -29.36 -29.05
CA SER D 106 -3.28 -30.60 -29.49
C SER D 106 -3.73 -31.05 -30.86
N ASP D 107 -2.76 -31.13 -31.77
CA ASP D 107 -2.92 -31.58 -33.15
C ASP D 107 -3.30 -33.07 -33.15
N GLN D 108 -2.77 -33.87 -32.22
CA GLN D 108 -3.10 -35.28 -32.12
C GLN D 108 -4.60 -35.49 -31.73
N ASN D 109 -5.18 -34.55 -30.96
CA ASN D 109 -6.61 -34.58 -30.58
C ASN D 109 -7.46 -34.24 -31.79
N LEU D 110 -7.00 -33.27 -32.62
CA LEU D 110 -7.64 -32.84 -33.86
C LEU D 110 -7.57 -33.95 -34.93
N GLN D 111 -6.51 -34.77 -34.91
CA GLN D 111 -6.34 -35.90 -35.80
C GLN D 111 -7.47 -36.91 -35.48
N GLU D 112 -7.68 -37.18 -34.17
CA GLU D 112 -8.69 -38.12 -33.65
C GLU D 112 -10.13 -37.69 -33.99
N LEU D 113 -10.39 -36.39 -34.01
CA LEU D 113 -11.70 -35.81 -34.35
C LEU D 113 -11.93 -35.95 -35.86
N GLU D 114 -10.88 -35.76 -36.68
CA GLU D 114 -10.94 -35.92 -38.13
C GLU D 114 -11.15 -37.38 -38.52
N LYS D 115 -10.77 -38.36 -37.67
CA LYS D 115 -11.05 -39.78 -37.93
C LYS D 115 -12.58 -39.98 -37.90
N TRP D 116 -13.25 -39.38 -36.91
CA TRP D 116 -14.71 -39.47 -36.83
C TRP D 116 -15.33 -38.69 -37.96
N LEU D 117 -14.80 -37.50 -38.26
CA LEU D 117 -15.30 -36.65 -39.34
C LEU D 117 -15.23 -37.34 -40.71
N LYS D 118 -14.14 -38.10 -40.97
CA LYS D 118 -13.93 -38.85 -42.21
C LYS D 118 -14.66 -40.20 -42.26
N ALA D 119 -15.42 -40.55 -41.19
CA ALA D 119 -16.16 -41.80 -41.06
C ALA D 119 -15.23 -43.04 -41.17
N ALA D 120 -14.01 -42.89 -40.62
CA ALA D 120 -13.01 -43.96 -40.60
C ALA D 120 -13.52 -45.11 -39.73
N PRO D 121 -13.25 -46.37 -40.10
CA PRO D 121 -13.78 -47.50 -39.31
C PRO D 121 -13.24 -47.54 -37.90
N ALA D 122 -11.96 -47.18 -37.72
CA ALA D 122 -11.36 -47.15 -36.39
C ALA D 122 -11.84 -46.00 -35.52
N ALA D 123 -12.53 -44.98 -36.09
CA ALA D 123 -13.05 -43.83 -35.33
C ALA D 123 -13.81 -44.23 -34.05
N PHE D 124 -13.91 -43.32 -33.08
CA PHE D 124 -14.58 -43.59 -31.81
C PHE D 124 -16.09 -43.80 -31.99
N ASP D 125 -16.63 -44.83 -31.34
CA ASP D 125 -18.05 -45.11 -31.41
C ASP D 125 -18.83 -44.11 -30.55
N TRP D 126 -19.40 -43.07 -31.20
CA TRP D 126 -20.24 -42.06 -30.56
C TRP D 126 -21.75 -42.38 -30.73
N SER D 127 -22.12 -43.45 -31.45
CA SER D 127 -23.52 -43.79 -31.71
C SER D 127 -24.43 -43.85 -30.45
N PRO D 128 -24.05 -44.41 -29.27
CA PRO D 128 -24.96 -44.31 -28.11
C PRO D 128 -25.25 -42.85 -27.70
N VAL D 129 -24.23 -41.96 -27.79
CA VAL D 129 -24.35 -40.53 -27.50
C VAL D 129 -25.22 -39.86 -28.59
N VAL D 130 -24.97 -40.17 -29.88
CA VAL D 130 -25.74 -39.63 -30.99
C VAL D 130 -27.22 -40.04 -30.90
N THR D 131 -27.48 -41.27 -30.43
CA THR D 131 -28.83 -41.80 -30.25
C THR D 131 -29.56 -41.04 -29.14
N TYR D 132 -28.85 -40.69 -28.06
CA TYR D 132 -29.44 -39.98 -26.93
C TYR D 132 -29.89 -38.57 -27.32
N VAL D 133 -29.10 -37.89 -28.13
CA VAL D 133 -29.43 -36.54 -28.60
C VAL D 133 -30.62 -36.59 -29.56
N CYS D 134 -30.67 -37.63 -30.41
CA CYS D 134 -31.80 -37.86 -31.30
C CYS D 134 -33.07 -38.07 -30.47
N ASP D 135 -32.98 -38.84 -29.36
CA ASP D 135 -34.11 -39.09 -28.47
C ASP D 135 -34.59 -37.79 -27.80
N LEU D 136 -33.65 -36.91 -27.41
CA LEU D 136 -33.97 -35.62 -26.80
C LEU D 136 -34.67 -34.71 -27.79
N GLU D 137 -34.24 -34.75 -29.06
CA GLU D 137 -34.83 -33.90 -30.09
C GLU D 137 -36.14 -34.46 -30.69
N GLY D 138 -36.85 -35.26 -29.90
CA GLY D 138 -38.13 -35.85 -30.26
C GLY D 138 -38.08 -37.04 -31.21
N ASN D 139 -36.88 -37.50 -31.54
CA ASN D 139 -36.65 -38.60 -32.47
C ASN D 139 -37.18 -38.28 -33.87
N ARG D 140 -37.01 -37.00 -34.29
CA ARG D 140 -37.37 -36.54 -35.62
C ARG D 140 -36.37 -37.10 -36.64
N VAL D 141 -35.08 -37.11 -36.26
CA VAL D 141 -33.98 -37.64 -37.08
C VAL D 141 -33.43 -38.95 -36.50
N LYS D 142 -32.64 -39.70 -37.29
CA LYS D 142 -32.04 -40.94 -36.80
C LYS D 142 -30.51 -40.83 -36.73
N GLY D 143 -29.88 -41.72 -35.95
CA GLY D 143 -28.43 -41.80 -35.76
C GLY D 143 -27.53 -41.46 -36.94
N PRO D 144 -27.68 -42.13 -38.10
CA PRO D 144 -26.79 -41.82 -39.24
C PRO D 144 -27.05 -40.45 -39.87
N GLU D 145 -28.28 -39.92 -39.72
CA GLU D 145 -28.65 -38.61 -40.24
C GLU D 145 -28.08 -37.49 -39.39
N LYS D 146 -28.02 -37.69 -38.05
CA LYS D 146 -27.49 -36.69 -37.15
C LYS D 146 -25.99 -36.56 -37.40
N GLU D 147 -25.29 -37.70 -37.48
CA GLU D 147 -23.87 -37.78 -37.76
C GLU D 147 -23.53 -37.09 -39.06
N GLU D 148 -24.37 -37.27 -40.09
CA GLU D 148 -24.22 -36.63 -41.40
C GLU D 148 -24.38 -35.12 -41.31
N LYS D 149 -25.38 -34.63 -40.58
CA LYS D 149 -25.58 -33.18 -40.42
C LYS D 149 -24.39 -32.50 -39.73
N LEU D 150 -23.71 -33.22 -38.82
CA LEU D 150 -22.57 -32.67 -38.11
C LEU D 150 -21.36 -32.66 -39.00
N ARG D 151 -21.04 -33.79 -39.65
CA ARG D 151 -19.87 -33.90 -40.53
C ARG D 151 -19.85 -32.84 -41.61
N GLN D 152 -21.02 -32.54 -42.16
CA GLN D 152 -21.16 -31.56 -43.22
C GLN D 152 -21.01 -30.13 -42.69
N ALA D 153 -21.55 -29.82 -41.49
CA ALA D 153 -21.50 -28.47 -40.87
C ALA D 153 -20.10 -28.01 -40.42
N VAL D 154 -19.23 -28.96 -40.09
CA VAL D 154 -17.87 -28.65 -39.67
C VAL D 154 -17.06 -28.23 -40.90
N LYS D 155 -16.67 -26.95 -40.95
CA LYS D 155 -15.92 -26.44 -42.09
C LYS D 155 -14.42 -26.41 -41.86
N GLN D 156 -13.97 -26.16 -40.61
CA GLN D 156 -12.52 -26.10 -40.35
C GLN D 156 -12.13 -26.79 -39.06
N VAL D 157 -10.89 -27.32 -39.01
CA VAL D 157 -10.26 -27.94 -37.85
C VAL D 157 -8.93 -27.18 -37.65
N LEU D 158 -8.87 -26.26 -36.67
CA LEU D 158 -7.72 -25.36 -36.52
C LEU D 158 -6.97 -25.41 -35.19
N LYS D 159 -5.71 -24.94 -35.20
CA LYS D 159 -4.90 -24.90 -34.00
C LYS D 159 -5.43 -23.76 -33.11
N CYS D 160 -5.40 -23.97 -31.80
CA CYS D 160 -5.96 -23.03 -30.86
C CYS D 160 -5.09 -22.82 -29.63
N ASP D 161 -5.21 -21.69 -28.96
CA ASP D 161 -4.51 -21.41 -27.71
C ASP D 161 -5.26 -20.29 -27.04
N VAL D 162 -6.07 -20.59 -26.03
CA VAL D 162 -6.88 -19.59 -25.32
C VAL D 162 -6.07 -18.49 -24.62
N THR D 163 -4.81 -18.78 -24.29
CA THR D 163 -3.96 -17.81 -23.62
C THR D 163 -3.39 -16.73 -24.58
N GLN D 164 -3.49 -16.93 -25.90
CA GLN D 164 -2.99 -15.95 -26.84
C GLN D 164 -4.04 -14.88 -27.21
N SER D 165 -3.61 -13.62 -27.37
CA SER D 165 -4.53 -12.53 -27.76
C SER D 165 -5.30 -12.86 -29.07
N GLN D 166 -4.72 -13.69 -29.92
CA GLN D 166 -5.34 -14.23 -31.12
C GLN D 166 -5.32 -15.75 -30.93
N PRO D 167 -6.37 -16.33 -30.32
CA PRO D 167 -6.35 -17.77 -30.03
C PRO D 167 -6.14 -18.67 -31.24
N LEU D 168 -6.58 -18.23 -32.43
CA LEU D 168 -6.49 -19.00 -33.66
C LEU D 168 -5.39 -18.54 -34.64
N GLY D 169 -4.54 -17.61 -34.22
CA GLY D 169 -3.46 -17.11 -35.04
C GLY D 169 -3.88 -16.06 -36.05
N ALA D 170 -3.44 -16.24 -37.32
CA ALA D 170 -3.76 -15.30 -38.39
C ALA D 170 -4.87 -15.85 -39.30
N VAL D 171 -5.77 -16.70 -38.77
CA VAL D 171 -6.82 -17.29 -39.58
C VAL D 171 -7.94 -16.29 -39.87
N PRO D 172 -8.18 -16.04 -41.17
CA PRO D 172 -9.29 -15.16 -41.52
C PRO D 172 -10.61 -15.88 -41.31
N LEU D 173 -11.32 -15.47 -40.28
CA LEU D 173 -12.65 -15.98 -39.96
C LEU D 173 -13.55 -14.77 -39.68
N PRO D 174 -14.76 -14.76 -40.25
CA PRO D 174 -15.70 -13.66 -39.95
C PRO D 174 -16.07 -13.67 -38.46
N PRO D 175 -16.64 -12.58 -37.92
CA PRO D 175 -17.00 -12.59 -36.48
C PRO D 175 -18.07 -13.65 -36.21
N ALA D 176 -17.91 -14.47 -35.16
CA ALA D 176 -18.87 -15.54 -34.86
C ALA D 176 -20.09 -15.13 -33.99
N ASP D 177 -21.19 -15.85 -34.16
CA ASP D 177 -22.38 -15.64 -33.34
C ASP D 177 -22.24 -16.40 -31.99
N CYS D 178 -21.51 -17.53 -32.00
CA CYS D 178 -21.35 -18.34 -30.81
C CYS D 178 -19.94 -18.90 -30.67
N VAL D 179 -19.40 -18.83 -29.45
CA VAL D 179 -18.13 -19.41 -29.08
C VAL D 179 -18.46 -20.32 -27.92
N LEU D 180 -18.19 -21.59 -28.08
CA LEU D 180 -18.52 -22.63 -27.13
C LEU D 180 -17.25 -23.25 -26.60
N SER D 181 -17.19 -23.50 -25.30
CA SER D 181 -16.01 -24.12 -24.72
C SER D 181 -16.43 -25.06 -23.60
N THR D 182 -16.33 -26.36 -23.87
CA THR D 182 -16.69 -27.35 -22.88
C THR D 182 -15.44 -28.01 -22.36
N LEU D 183 -15.23 -27.92 -21.04
CA LEU D 183 -14.19 -28.60 -20.29
C LEU D 183 -12.76 -28.30 -20.72
N CYS D 184 -12.50 -27.07 -21.14
CA CYS D 184 -11.20 -26.65 -21.63
C CYS D 184 -10.55 -25.57 -20.77
N LEU D 185 -11.24 -24.45 -20.54
CA LEU D 185 -10.67 -23.28 -19.87
C LEU D 185 -10.11 -23.56 -18.48
N ASP D 186 -10.74 -24.46 -17.69
CA ASP D 186 -10.19 -24.82 -16.37
C ASP D 186 -8.85 -25.58 -16.50
N ALA D 187 -8.60 -26.22 -17.65
CA ALA D 187 -7.42 -27.01 -17.93
C ALA D 187 -6.24 -26.14 -18.42
N ALA D 188 -6.56 -25.08 -19.19
CA ALA D 188 -5.57 -24.22 -19.80
C ALA D 188 -5.12 -23.05 -18.96
N CYS D 189 -5.84 -22.73 -17.90
CA CYS D 189 -5.55 -21.54 -17.09
C CYS D 189 -5.03 -21.88 -15.71
N PRO D 190 -3.75 -21.56 -15.44
CA PRO D 190 -3.15 -21.92 -14.13
C PRO D 190 -3.57 -21.05 -12.94
N ASP D 191 -4.27 -19.94 -13.22
CA ASP D 191 -4.76 -18.99 -12.21
C ASP D 191 -6.02 -18.23 -12.69
N LEU D 192 -6.76 -17.53 -11.78
CA LEU D 192 -7.95 -16.74 -12.16
C LEU D 192 -7.65 -15.60 -13.19
N PRO D 193 -6.56 -14.80 -13.05
CA PRO D 193 -6.26 -13.79 -14.08
C PRO D 193 -6.03 -14.36 -15.49
N THR D 194 -5.39 -15.54 -15.59
CA THR D 194 -5.19 -16.20 -16.90
C THR D 194 -6.55 -16.60 -17.51
N TYR D 195 -7.48 -17.06 -16.64
CA TYR D 195 -8.85 -17.44 -16.96
C TYR D 195 -9.61 -16.22 -17.53
N CYS D 196 -9.40 -15.05 -16.93
CA CYS D 196 -10.03 -13.81 -17.35
C CYS D 196 -9.44 -13.34 -18.70
N ARG D 197 -8.11 -13.45 -18.90
CA ARG D 197 -7.52 -13.04 -20.17
C ARG D 197 -7.96 -13.97 -21.29
N ALA D 198 -8.10 -15.27 -21.02
CA ALA D 198 -8.59 -16.27 -21.99
C ALA D 198 -10.01 -15.92 -22.47
N LEU D 199 -10.83 -15.36 -21.59
CA LEU D 199 -12.20 -15.00 -21.96
C LEU D 199 -12.23 -13.78 -22.89
N ARG D 200 -11.30 -12.82 -22.70
CA ARG D 200 -11.23 -11.67 -23.61
C ARG D 200 -10.63 -12.07 -24.96
N ASN D 201 -9.69 -13.02 -24.95
CA ASN D 201 -9.09 -13.55 -26.16
C ASN D 201 -10.16 -14.24 -27.00
N LEU D 202 -11.09 -14.97 -26.35
CA LEU D 202 -12.22 -15.62 -27.01
C LEU D 202 -13.23 -14.60 -27.54
N GLY D 203 -13.40 -13.49 -26.83
CA GLY D 203 -14.29 -12.42 -27.25
C GLY D 203 -13.82 -11.74 -28.51
N SER D 204 -12.51 -11.73 -28.77
CA SER D 204 -11.97 -11.19 -30.00
C SER D 204 -12.52 -11.94 -31.24
N LEU D 205 -13.02 -13.17 -31.04
CA LEU D 205 -13.62 -14.02 -32.06
C LEU D 205 -15.13 -13.76 -32.20
N LEU D 206 -15.77 -13.20 -31.16
CA LEU D 206 -17.18 -12.94 -31.12
C LEU D 206 -17.60 -11.60 -31.64
N LYS D 207 -18.80 -11.56 -32.25
CA LYS D 207 -19.51 -10.36 -32.67
C LYS D 207 -19.97 -9.70 -31.38
N PRO D 208 -20.13 -8.35 -31.34
CA PRO D 208 -20.70 -7.73 -30.13
C PRO D 208 -22.14 -8.19 -30.02
N GLY D 209 -22.53 -8.68 -28.84
CA GLY D 209 -23.86 -9.26 -28.66
C GLY D 209 -23.93 -10.74 -29.07
N GLY D 210 -22.78 -11.36 -29.27
CA GLY D 210 -22.71 -12.77 -29.59
C GLY D 210 -22.69 -13.59 -28.31
N PHE D 211 -23.00 -14.87 -28.42
CA PHE D 211 -23.06 -15.76 -27.26
C PHE D 211 -21.75 -16.43 -26.91
N LEU D 212 -21.57 -16.65 -25.63
CA LEU D 212 -20.44 -17.40 -25.09
C LEU D 212 -21.10 -18.48 -24.27
N VAL D 213 -20.71 -19.76 -24.48
CA VAL D 213 -21.26 -20.90 -23.75
C VAL D 213 -20.11 -21.69 -23.14
N ILE D 214 -20.03 -21.77 -21.83
CA ILE D 214 -18.96 -22.49 -21.16
C ILE D 214 -19.58 -23.54 -20.27
N MET D 215 -19.04 -24.74 -20.30
CA MET D 215 -19.48 -25.81 -19.41
C MET D 215 -18.19 -26.35 -18.85
N ASP D 216 -17.98 -26.26 -17.53
CA ASP D 216 -16.72 -26.73 -16.95
C ASP D 216 -16.89 -27.26 -15.51
N ALA D 217 -15.82 -27.79 -14.92
CA ALA D 217 -15.89 -28.34 -13.57
C ALA D 217 -15.74 -27.26 -12.48
N LEU D 218 -16.23 -27.58 -11.27
CA LEU D 218 -16.11 -26.70 -10.12
C LEU D 218 -15.24 -27.36 -9.04
N LYS D 219 -14.49 -26.54 -8.28
CA LYS D 219 -13.61 -26.92 -7.17
C LYS D 219 -12.74 -28.14 -7.47
N SER D 220 -12.15 -28.16 -8.65
CA SER D 220 -11.33 -29.28 -9.07
C SER D 220 -9.86 -28.85 -9.25
N SER D 221 -8.92 -29.51 -8.54
CA SER D 221 -7.50 -29.20 -8.72
C SER D 221 -6.82 -30.16 -9.73
N TYR D 222 -7.51 -31.20 -10.23
CA TYR D 222 -6.93 -32.16 -11.18
C TYR D 222 -7.98 -33.02 -11.84
N TYR D 223 -7.59 -33.69 -12.95
CA TYR D 223 -8.35 -34.75 -13.61
C TYR D 223 -7.39 -35.82 -14.18
N MET D 224 -7.82 -37.09 -14.21
CA MET D 224 -6.96 -38.20 -14.61
C MET D 224 -7.34 -38.80 -15.91
N ILE D 225 -6.34 -39.14 -16.72
CA ILE D 225 -6.53 -39.94 -17.92
C ILE D 225 -5.72 -41.23 -17.64
N GLY D 226 -6.38 -42.18 -16.99
CA GLY D 226 -5.75 -43.42 -16.57
C GLY D 226 -4.84 -43.18 -15.39
N GLU D 227 -3.54 -43.15 -15.65
CA GLU D 227 -2.56 -42.90 -14.58
C GLU D 227 -1.93 -41.49 -14.67
N GLN D 228 -2.01 -40.86 -15.85
CA GLN D 228 -1.46 -39.54 -16.10
C GLN D 228 -2.38 -38.45 -15.50
N LYS D 229 -1.85 -37.66 -14.52
CA LYS D 229 -2.59 -36.60 -13.85
C LYS D 229 -2.45 -35.21 -14.49
N PHE D 230 -3.57 -34.61 -14.92
CA PHE D 230 -3.60 -33.29 -15.54
C PHE D 230 -4.17 -32.25 -14.56
N SER D 231 -3.58 -31.06 -14.54
CA SER D 231 -4.02 -30.00 -13.63
C SER D 231 -5.36 -29.35 -14.05
N SER D 232 -6.02 -28.72 -13.09
CA SER D 232 -7.29 -28.03 -13.25
C SER D 232 -7.34 -26.88 -12.25
N LEU D 233 -7.87 -25.73 -12.67
CA LEU D 233 -8.01 -24.55 -11.82
C LEU D 233 -9.21 -24.79 -10.88
N PRO D 234 -8.97 -24.82 -9.55
CA PRO D 234 -10.08 -25.13 -8.61
C PRO D 234 -11.06 -23.99 -8.31
N LEU D 235 -11.63 -23.41 -9.37
CA LEU D 235 -12.63 -22.34 -9.34
C LEU D 235 -13.94 -22.70 -8.68
N GLY D 236 -14.52 -21.70 -8.03
CA GLY D 236 -15.88 -21.69 -7.53
C GLY D 236 -16.74 -20.83 -8.45
N ARG D 237 -18.08 -20.99 -8.39
CA ARG D 237 -18.98 -20.24 -9.27
C ARG D 237 -18.86 -18.68 -9.14
N GLU D 238 -18.49 -18.14 -7.99
CA GLU D 238 -18.32 -16.69 -7.82
C GLU D 238 -17.12 -16.20 -8.64
N ALA D 239 -15.99 -16.95 -8.59
CA ALA D 239 -14.80 -16.63 -9.37
C ALA D 239 -15.09 -16.78 -10.88
N VAL D 240 -15.97 -17.73 -11.29
CA VAL D 240 -16.34 -17.86 -12.70
C VAL D 240 -17.09 -16.59 -13.12
N GLU D 241 -18.12 -16.21 -12.33
CA GLU D 241 -18.95 -15.03 -12.55
C GLU D 241 -18.15 -13.74 -12.65
N ALA D 242 -17.25 -13.52 -11.69
CA ALA D 242 -16.36 -12.35 -11.67
C ALA D 242 -15.45 -12.32 -12.88
N ALA D 243 -14.84 -13.47 -13.29
CA ALA D 243 -13.94 -13.51 -14.44
C ALA D 243 -14.66 -13.30 -15.76
N VAL D 244 -15.89 -13.84 -15.89
CA VAL D 244 -16.71 -13.68 -17.09
C VAL D 244 -17.11 -12.21 -17.20
N LYS D 245 -17.53 -11.58 -16.09
CA LYS D 245 -17.91 -10.18 -16.10
C LYS D 245 -16.75 -9.21 -16.36
N GLU D 246 -15.60 -9.39 -15.68
CA GLU D 246 -14.40 -8.59 -15.88
C GLU D 246 -13.88 -8.65 -17.34
N ALA D 247 -14.14 -9.76 -18.06
CA ALA D 247 -13.70 -9.86 -19.45
C ALA D 247 -14.67 -9.21 -20.46
N GLY D 248 -15.69 -8.52 -19.97
CA GLY D 248 -16.63 -7.84 -20.86
C GLY D 248 -17.85 -8.63 -21.31
N TYR D 249 -18.40 -9.47 -20.44
CA TYR D 249 -19.61 -10.22 -20.77
C TYR D 249 -20.74 -9.98 -19.76
N THR D 250 -21.98 -10.22 -20.20
CA THR D 250 -23.18 -10.12 -19.37
C THR D 250 -23.69 -11.59 -19.24
N ILE D 251 -23.88 -12.10 -18.01
CA ILE D 251 -24.35 -13.47 -17.83
C ILE D 251 -25.88 -13.48 -17.96
N GLU D 252 -26.42 -14.25 -18.93
CA GLU D 252 -27.87 -14.35 -19.15
C GLU D 252 -28.48 -15.54 -18.39
N TRP D 253 -27.70 -16.61 -18.23
CA TRP D 253 -28.11 -17.84 -17.58
C TRP D 253 -26.87 -18.47 -16.93
N PHE D 254 -27.00 -18.93 -15.68
CA PHE D 254 -25.90 -19.60 -14.98
C PHE D 254 -26.44 -20.81 -14.19
N GLU D 255 -25.94 -22.01 -14.47
CA GLU D 255 -26.38 -23.25 -13.82
C GLU D 255 -25.21 -23.98 -13.12
N VAL D 256 -25.51 -24.65 -12.02
CA VAL D 256 -24.55 -25.43 -11.27
C VAL D 256 -25.20 -26.78 -10.97
N ILE D 257 -24.49 -27.91 -11.19
CA ILE D 257 -25.00 -29.22 -10.76
C ILE D 257 -23.99 -29.77 -9.75
N SER D 258 -24.44 -30.47 -8.71
CA SER D 258 -23.55 -30.98 -7.67
C SER D 258 -22.87 -32.33 -8.02
N GLN D 259 -23.33 -32.99 -9.13
CA GLN D 259 -22.83 -34.26 -9.65
C GLN D 259 -21.36 -34.21 -9.93
N SER D 260 -20.58 -35.04 -9.25
CA SER D 260 -19.12 -35.06 -9.46
C SER D 260 -18.65 -36.30 -10.21
N TYR D 261 -17.50 -36.22 -10.91
CA TYR D 261 -16.87 -37.39 -11.57
C TYR D 261 -16.47 -38.40 -10.45
N SER D 262 -16.11 -39.64 -10.81
CA SER D 262 -15.71 -40.63 -9.79
C SER D 262 -14.43 -40.21 -9.09
N SER D 263 -14.25 -40.64 -7.83
CA SER D 263 -13.06 -40.37 -7.00
C SER D 263 -11.76 -40.68 -7.72
N THR D 264 -11.68 -41.79 -8.49
CA THR D 264 -10.46 -42.16 -9.23
C THR D 264 -10.26 -41.35 -10.53
N MET D 265 -11.04 -40.29 -10.72
CA MET D 265 -11.02 -39.51 -11.93
C MET D 265 -10.70 -38.08 -11.63
N ALA D 266 -11.45 -37.44 -10.71
CA ALA D 266 -11.25 -36.02 -10.41
C ALA D 266 -11.80 -35.63 -9.05
N ASN D 267 -11.20 -34.63 -8.45
CA ASN D 267 -11.66 -34.14 -7.16
C ASN D 267 -12.62 -32.92 -7.29
N ASN D 268 -13.42 -32.87 -8.36
CA ASN D 268 -14.37 -31.78 -8.53
C ASN D 268 -15.55 -31.86 -7.54
N GLU D 269 -16.28 -30.76 -7.38
CA GLU D 269 -17.46 -30.69 -6.54
C GLU D 269 -18.57 -30.11 -7.44
N GLY D 270 -18.94 -30.87 -8.45
CA GLY D 270 -19.96 -30.47 -9.39
C GLY D 270 -19.42 -29.83 -10.66
N LEU D 271 -20.32 -29.29 -11.49
CA LEU D 271 -19.99 -28.63 -12.75
C LEU D 271 -20.84 -27.39 -12.92
N PHE D 272 -20.41 -26.46 -13.79
CA PHE D 272 -21.20 -25.29 -14.09
C PHE D 272 -21.44 -25.18 -15.62
N SER D 273 -22.47 -24.45 -16.00
CA SER D 273 -22.73 -24.13 -17.39
C SER D 273 -23.28 -22.71 -17.45
N LEU D 274 -22.86 -21.90 -18.44
CA LEU D 274 -23.35 -20.53 -18.54
C LEU D 274 -23.56 -20.10 -19.97
N VAL D 275 -24.45 -19.14 -20.17
CA VAL D 275 -24.65 -18.52 -21.46
C VAL D 275 -24.50 -17.04 -21.16
N ALA D 276 -23.51 -16.43 -21.80
CA ALA D 276 -23.16 -15.03 -21.63
C ALA D 276 -23.18 -14.29 -22.97
N ARG D 277 -23.30 -12.98 -22.92
CA ARG D 277 -23.34 -12.16 -24.13
C ARG D 277 -22.18 -11.19 -24.08
N LYS D 278 -21.48 -11.01 -25.20
CA LYS D 278 -20.36 -10.07 -25.27
C LYS D 278 -20.86 -8.64 -25.25
N LEU D 279 -20.45 -7.85 -24.25
CA LEU D 279 -20.88 -6.46 -24.17
C LEU D 279 -20.20 -5.63 -25.27
N SER D 280 -20.90 -4.67 -25.88
CA SER D 280 -20.31 -3.81 -26.92
C SER D 280 -19.72 -2.56 -26.30
#